data_9C1S
#
_entry.id   9C1S
#
_cell.length_a   79.815
_cell.length_b   95.141
_cell.length_c   182.968
_cell.angle_alpha   90.000
_cell.angle_beta   90.000
_cell.angle_gamma   90.000
#
_symmetry.space_group_name_H-M   'P 21 21 21'
#
loop_
_entity.id
_entity.type
_entity.pdbx_description
1 polymer 'F946 Fab Heavy Chain'
2 polymer 'F946 Fab Light Chain'
3 polymer 'Outer surface protein C'
4 water water
#
loop_
_entity_poly.entity_id
_entity_poly.type
_entity_poly.pdbx_seq_one_letter_code
_entity_poly.pdbx_strand_id
1 'polypeptide(L)'
;QVQLQESGPGLVKPSGTLSLTCTVSGASISVGNWWSWVRQPPGKGLEWIGEFYHSGKTNYNPSLKSRVTISVDKSKNQFS
LKLSSVTAADTAVYYCARSDLLTGYFPYYFDYWGQGTLVTVSSASTKGPSVFPLAPSSKSTSGGTAALGCLVKDYFPEPV
TVSWNSGALTSGVHTFPAVLQSSGLYSLSSVVTVPSSSLGTQTYICNVNHKPSNTKVDKRVEPKSCDKTH
;
H,A
2 'polypeptide(L)'
;DIQLTQSPSFLSASVGDRVTITCRASQGISSYLAWYQQKPGKAPKLLIYAASTLQSGVPSRFSGSGSGTEFTLTISSLQP
EDFATYYCQRLNSYPYTFGQGTKLEIKRTVAAPSVFIFPPSDEQLKSGTASVVCLLNNFYPREAKVQWKVDNALQSGNSQ
ESVTEQDSKDSTYSLSSTLTLSKADYEKHKVYACEVTHQGLSSPVTKSFNRGEC
;
L,B
3 'polypeptide(L)'
;KGPNLTEISKKITDSNAVLLAVKEVEALLSSIDEIAAKAIGKKIHQNNGLDTENNHNGSLLAGAYAISTLIKQKLDGLKN
EGLKEKIDAAKKCSETFTNKLKEKHTDLGKEGVTDADAKEAILKTNGTKTKGAEELGKLFESVEVLSKAAKEMLANSVKE
LTSP
;
C,D
#
# COMPACT_ATOMS: atom_id res chain seq x y z
N GLN A 1 -10.27 8.80 -28.42
CA GLN A 1 -9.34 8.03 -29.25
C GLN A 1 -9.41 6.54 -28.91
N VAL A 2 -9.64 6.24 -27.63
CA VAL A 2 -9.79 4.86 -27.20
C VAL A 2 -11.11 4.33 -27.76
N GLN A 3 -11.02 3.32 -28.61
CA GLN A 3 -12.19 2.71 -29.25
C GLN A 3 -12.08 1.20 -29.20
N LEU A 4 -13.20 0.55 -28.92
CA LEU A 4 -13.29 -0.91 -28.89
C LEU A 4 -14.42 -1.35 -29.79
N GLN A 5 -14.21 -2.44 -30.52
CA GLN A 5 -15.22 -2.95 -31.44
C GLN A 5 -15.26 -4.48 -31.34
N GLU A 6 -16.43 -5.02 -31.07
CA GLU A 6 -16.64 -6.45 -31.04
C GLU A 6 -16.98 -6.97 -32.44
N SER A 7 -16.79 -8.27 -32.62
CA SER A 7 -17.10 -8.92 -33.89
C SER A 7 -17.16 -10.42 -33.66
N GLY A 8 -17.65 -11.14 -34.66
CA GLY A 8 -17.83 -12.57 -34.58
C GLY A 8 -19.25 -12.97 -34.94
N PRO A 9 -19.46 -14.26 -35.19
CA PRO A 9 -20.81 -14.73 -35.55
C PRO A 9 -21.82 -14.41 -34.44
N GLY A 10 -22.99 -13.94 -34.85
CA GLY A 10 -24.05 -13.60 -33.94
C GLY A 10 -25.10 -14.67 -33.74
N LEU A 11 -24.91 -15.86 -34.28
CA LEU A 11 -25.84 -16.97 -34.10
C LEU A 11 -25.03 -18.23 -33.77
N VAL A 12 -25.40 -18.92 -32.71
CA VAL A 12 -24.72 -20.13 -32.27
C VAL A 12 -25.76 -21.15 -31.83
N LYS A 13 -25.61 -22.39 -32.30
CA LYS A 13 -26.54 -23.44 -31.96
C LYS A 13 -26.44 -23.78 -30.47
N PRO A 14 -27.55 -24.21 -29.86
CA PRO A 14 -27.49 -24.72 -28.49
C PRO A 14 -26.41 -25.77 -28.32
N SER A 15 -25.71 -25.73 -27.18
CA SER A 15 -24.56 -26.54 -26.83
C SER A 15 -23.35 -26.23 -27.69
N GLY A 16 -23.42 -25.25 -28.59
CA GLY A 16 -22.27 -24.84 -29.37
C GLY A 16 -21.35 -23.94 -28.57
N THR A 17 -20.41 -23.33 -29.29
CA THR A 17 -19.40 -22.48 -28.68
C THR A 17 -19.48 -21.08 -29.27
N LEU A 18 -19.63 -20.09 -28.39
CA LEU A 18 -19.63 -18.69 -28.80
C LEU A 18 -18.19 -18.22 -28.98
N SER A 19 -17.95 -17.43 -30.03
CA SER A 19 -16.62 -16.89 -30.31
C SER A 19 -16.76 -15.44 -30.72
N LEU A 20 -16.13 -14.55 -29.97
CA LEU A 20 -16.14 -13.12 -30.27
C LEU A 20 -14.74 -12.56 -30.13
N THR A 21 -14.45 -11.54 -30.93
CA THR A 21 -13.15 -10.87 -30.91
C THR A 21 -13.37 -9.38 -30.69
N CYS A 22 -12.50 -8.77 -29.90
CA CYS A 22 -12.54 -7.33 -29.64
C CYS A 22 -11.31 -6.68 -30.24
N THR A 23 -11.53 -5.74 -31.15
CA THR A 23 -10.44 -4.98 -31.77
C THR A 23 -10.32 -3.63 -31.07
N VAL A 24 -9.10 -3.31 -30.65
CA VAL A 24 -8.83 -2.09 -29.91
C VAL A 24 -8.05 -1.12 -30.79
N SER A 25 -8.43 0.15 -30.76
CA SER A 25 -7.68 1.21 -31.41
C SER A 25 -7.58 2.39 -30.45
N GLY A 26 -6.60 3.26 -30.71
CA GLY A 26 -6.34 4.36 -29.81
C GLY A 26 -5.76 3.96 -28.47
N ALA A 27 -5.44 2.68 -28.29
CA ALA A 27 -4.92 2.16 -27.03
C ALA A 27 -4.26 0.82 -27.32
N SER A 28 -3.31 0.46 -26.45
CA SER A 28 -2.56 -0.78 -26.59
C SER A 28 -2.80 -1.64 -25.36
N ILE A 29 -3.37 -2.83 -25.59
CA ILE A 29 -3.69 -3.72 -24.47
C ILE A 29 -2.44 -4.29 -23.80
N SER A 30 -1.29 -4.20 -24.47
CA SER A 30 -0.06 -4.76 -23.92
C SER A 30 0.60 -3.83 -22.90
N VAL A 31 0.24 -2.55 -22.88
CA VAL A 31 0.93 -1.59 -22.04
C VAL A 31 0.26 -1.35 -20.68
N GLY A 32 -1.01 -1.74 -20.53
CA GLY A 32 -1.68 -1.53 -19.26
C GLY A 32 -3.18 -1.74 -19.39
N ASN A 33 -3.86 -1.41 -18.29
CA ASN A 33 -5.32 -1.49 -18.16
C ASN A 33 -5.80 -2.94 -18.14
N TRP A 34 -6.93 -3.19 -17.48
CA TRP A 34 -7.61 -4.46 -17.60
C TRP A 34 -8.64 -4.40 -18.72
N TRP A 35 -8.88 -5.55 -19.34
CA TRP A 35 -9.79 -5.64 -20.47
C TRP A 35 -10.76 -6.78 -20.24
N SER A 36 -12.05 -6.50 -20.38
CA SER A 36 -13.10 -7.40 -19.92
C SER A 36 -14.14 -7.63 -21.00
N TRP A 37 -14.97 -8.65 -20.76
CA TRP A 37 -16.17 -8.92 -21.54
C TRP A 37 -17.38 -8.80 -20.62
N VAL A 38 -18.42 -8.12 -21.10
CA VAL A 38 -19.61 -7.83 -20.31
C VAL A 38 -20.85 -8.26 -21.10
N ARG A 39 -21.85 -8.77 -20.39
CA ARG A 39 -23.03 -9.39 -20.99
C ARG A 39 -24.28 -8.61 -20.59
N GLN A 40 -25.26 -8.57 -21.50
CA GLN A 40 -26.56 -7.95 -21.22
C GLN A 40 -27.63 -8.63 -22.06
N PRO A 41 -28.42 -9.53 -21.46
CA PRO A 41 -29.55 -10.14 -22.20
C PRO A 41 -30.59 -9.09 -22.53
N PRO A 42 -31.47 -9.36 -23.49
CA PRO A 42 -32.50 -8.38 -23.87
C PRO A 42 -33.41 -8.02 -22.70
N GLY A 43 -33.44 -6.74 -22.36
CA GLY A 43 -34.32 -6.23 -21.33
C GLY A 43 -33.82 -6.38 -19.92
N LYS A 44 -32.69 -7.03 -19.71
CA LYS A 44 -32.16 -7.33 -18.38
C LYS A 44 -30.90 -6.51 -18.13
N GLY A 45 -30.28 -6.75 -16.98
CA GLY A 45 -29.12 -6.00 -16.55
C GLY A 45 -27.82 -6.58 -17.08
N LEU A 46 -26.73 -6.15 -16.47
CA LEU A 46 -25.39 -6.42 -16.97
C LEU A 46 -24.69 -7.46 -16.10
N GLU A 47 -23.88 -8.30 -16.73
CA GLU A 47 -23.15 -9.36 -16.05
C GLU A 47 -21.73 -9.42 -16.57
N TRP A 48 -20.76 -9.28 -15.68
CA TRP A 48 -19.36 -9.34 -16.04
C TRP A 48 -18.93 -10.80 -16.26
N ILE A 49 -18.13 -11.02 -17.30
CA ILE A 49 -17.79 -12.38 -17.72
C ILE A 49 -16.36 -12.71 -17.30
N GLY A 50 -15.40 -11.93 -17.78
CA GLY A 50 -14.01 -12.21 -17.49
C GLY A 50 -13.16 -10.99 -17.77
N GLU A 51 -11.89 -11.08 -17.37
CA GLU A 51 -10.96 -9.97 -17.50
C GLU A 51 -9.55 -10.51 -17.61
N PHE A 52 -8.64 -9.68 -18.12
CA PHE A 52 -7.24 -10.04 -18.21
C PHE A 52 -6.37 -8.80 -18.12
N TYR A 53 -5.15 -8.99 -17.64
CA TYR A 53 -4.11 -7.96 -17.64
C TYR A 53 -2.92 -8.49 -18.44
N HIS A 54 -2.17 -7.58 -19.05
CA HIS A 54 -1.12 -7.98 -19.98
C HIS A 54 -0.07 -8.87 -19.33
N SER A 55 0.03 -8.88 -18.00
CA SER A 55 0.95 -9.77 -17.30
C SER A 55 0.54 -11.23 -17.39
N GLY A 56 -0.68 -11.53 -17.83
CA GLY A 56 -1.17 -12.89 -17.94
C GLY A 56 -2.26 -13.26 -16.95
N LYS A 57 -2.45 -12.45 -15.90
CA LYS A 57 -3.48 -12.75 -14.90
C LYS A 57 -4.86 -12.52 -15.48
N THR A 58 -5.68 -13.58 -15.49
CA THR A 58 -7.05 -13.51 -15.97
C THR A 58 -8.00 -14.03 -14.90
N ASN A 59 -9.18 -13.41 -14.82
CA ASN A 59 -10.21 -13.79 -13.87
C ASN A 59 -11.51 -14.04 -14.60
N TYR A 60 -12.28 -15.00 -14.10
CA TYR A 60 -13.53 -15.40 -14.73
C TYR A 60 -14.67 -15.36 -13.71
N ASN A 61 -15.88 -15.14 -14.21
CA ASN A 61 -17.05 -15.18 -13.36
C ASN A 61 -17.25 -16.60 -12.83
N PRO A 62 -17.34 -16.77 -11.51
CA PRO A 62 -17.48 -18.14 -10.96
C PRO A 62 -18.73 -18.86 -11.43
N SER A 63 -19.76 -18.15 -11.89
CA SER A 63 -20.94 -18.80 -12.44
C SER A 63 -20.71 -19.34 -13.84
N LEU A 64 -19.66 -18.89 -14.53
CA LEU A 64 -19.35 -19.32 -15.88
C LEU A 64 -17.96 -19.92 -16.02
N LYS A 65 -17.19 -19.99 -14.92
CA LYS A 65 -15.77 -20.35 -14.98
C LYS A 65 -15.54 -21.62 -15.78
N SER A 66 -16.41 -22.62 -15.62
CA SER A 66 -16.20 -23.91 -16.28
C SER A 66 -16.30 -23.82 -17.80
N ARG A 67 -17.03 -22.84 -18.33
CA ARG A 67 -17.32 -22.77 -19.76
C ARG A 67 -16.62 -21.64 -20.48
N VAL A 68 -15.91 -20.76 -19.76
CA VAL A 68 -15.40 -19.51 -20.33
C VAL A 68 -13.88 -19.58 -20.42
N THR A 69 -13.34 -18.97 -21.48
CA THR A 69 -11.91 -18.78 -21.61
C THR A 69 -11.66 -17.52 -22.44
N ILE A 70 -10.60 -16.79 -22.10
CA ILE A 70 -10.25 -15.54 -22.76
C ILE A 70 -8.80 -15.63 -23.21
N SER A 71 -8.56 -15.33 -24.48
CA SER A 71 -7.22 -15.38 -25.07
C SER A 71 -6.82 -14.00 -25.54
N VAL A 72 -5.51 -13.79 -25.69
CA VAL A 72 -4.95 -12.50 -26.02
C VAL A 72 -3.97 -12.66 -27.18
N ASP A 73 -4.09 -11.80 -28.18
CA ASP A 73 -3.12 -11.69 -29.27
C ASP A 73 -2.55 -10.27 -29.22
N LYS A 74 -1.44 -10.10 -28.48
CA LYS A 74 -0.86 -8.78 -28.32
C LYS A 74 -0.33 -8.22 -29.64
N SER A 75 0.13 -9.10 -30.54
CA SER A 75 0.67 -8.63 -31.81
C SER A 75 -0.41 -7.98 -32.68
N LYS A 76 -1.65 -8.45 -32.58
CA LYS A 76 -2.76 -7.84 -33.30
C LYS A 76 -3.54 -6.83 -32.48
N ASN A 77 -3.14 -6.63 -31.22
CA ASN A 77 -3.86 -5.72 -30.31
C ASN A 77 -5.33 -6.10 -30.21
N GLN A 78 -5.59 -7.40 -30.07
CA GLN A 78 -6.95 -7.92 -29.97
C GLN A 78 -6.99 -8.94 -28.84
N PHE A 79 -8.21 -9.21 -28.37
CA PHE A 79 -8.46 -10.31 -27.46
C PHE A 79 -9.84 -10.90 -27.77
N SER A 80 -10.02 -12.16 -27.40
CA SER A 80 -11.20 -12.91 -27.80
C SER A 80 -11.89 -13.51 -26.58
N LEU A 81 -13.07 -14.05 -26.82
CA LEU A 81 -13.87 -14.71 -25.79
C LEU A 81 -14.45 -15.99 -26.38
N LYS A 82 -14.45 -17.05 -25.57
CA LYS A 82 -15.05 -18.33 -25.97
C LYS A 82 -15.99 -18.79 -24.87
N LEU A 83 -17.19 -19.21 -25.27
CA LEU A 83 -18.21 -19.68 -24.34
C LEU A 83 -18.79 -20.98 -24.90
N SER A 84 -18.44 -22.09 -24.28
CA SER A 84 -18.86 -23.41 -24.75
C SER A 84 -20.16 -23.84 -24.06
N SER A 85 -20.85 -24.78 -24.71
CA SER A 85 -22.08 -25.39 -24.18
C SER A 85 -23.11 -24.32 -23.84
N VAL A 86 -23.46 -23.52 -24.84
CA VAL A 86 -24.34 -22.38 -24.63
C VAL A 86 -25.80 -22.82 -24.71
N THR A 87 -26.63 -22.16 -23.92
CA THR A 87 -28.08 -22.32 -23.93
C THR A 87 -28.72 -20.97 -24.25
N ALA A 88 -30.05 -20.97 -24.34
CA ALA A 88 -30.77 -19.74 -24.65
C ALA A 88 -30.52 -18.65 -23.60
N ALA A 89 -30.12 -19.03 -22.38
CA ALA A 89 -29.77 -18.05 -21.37
C ALA A 89 -28.53 -17.24 -21.75
N ASP A 90 -27.74 -17.72 -22.70
CA ASP A 90 -26.54 -17.02 -23.14
C ASP A 90 -26.82 -15.99 -24.24
N THR A 91 -28.07 -15.87 -24.67
CA THR A 91 -28.44 -14.84 -25.64
C THR A 91 -28.35 -13.47 -24.98
N ALA A 92 -27.53 -12.58 -25.54
CA ALA A 92 -27.29 -11.28 -24.93
C ALA A 92 -26.52 -10.40 -25.89
N VAL A 93 -26.51 -9.10 -25.58
CA VAL A 93 -25.59 -8.17 -26.22
C VAL A 93 -24.26 -8.24 -25.49
N TYR A 94 -23.20 -8.55 -26.22
CA TYR A 94 -21.89 -8.77 -25.62
C TYR A 94 -20.99 -7.56 -25.83
N TYR A 95 -20.39 -7.08 -24.74
CA TYR A 95 -19.52 -5.92 -24.76
C TYR A 95 -18.11 -6.33 -24.40
N CYS A 96 -17.13 -5.68 -25.03
CA CYS A 96 -15.76 -5.67 -24.53
C CYS A 96 -15.47 -4.28 -23.99
N ALA A 97 -14.74 -4.22 -22.88
CA ALA A 97 -14.63 -2.97 -22.13
C ALA A 97 -13.26 -2.87 -21.48
N ARG A 98 -12.79 -1.64 -21.33
CA ARG A 98 -11.55 -1.34 -20.64
C ARG A 98 -11.86 -0.74 -19.27
N SER A 99 -11.03 -1.06 -18.29
CA SER A 99 -11.15 -0.53 -16.95
C SER A 99 -9.88 0.25 -16.61
N ASP A 100 -10.06 1.36 -15.89
CA ASP A 100 -8.98 2.29 -15.62
C ASP A 100 -9.02 2.72 -14.16
N LEU A 101 -7.87 3.15 -13.64
CA LEU A 101 -7.79 3.60 -12.27
C LEU A 101 -8.34 5.02 -12.10
N LEU A 102 -8.45 5.78 -13.18
CA LEU A 102 -8.96 7.15 -13.18
C LEU A 102 -8.10 7.97 -12.21
N THR A 103 -8.69 8.84 -11.40
CA THR A 103 -7.92 9.66 -10.46
C THR A 103 -7.59 8.94 -9.16
N GLY A 104 -7.91 7.64 -9.04
CA GLY A 104 -7.62 6.88 -7.86
C GLY A 104 -6.44 5.93 -8.04
N TYR A 105 -6.23 5.11 -7.02
CA TYR A 105 -5.24 4.04 -7.09
C TYR A 105 -5.82 2.65 -6.93
N PHE A 106 -7.09 2.52 -6.54
CA PHE A 106 -7.80 1.25 -6.46
C PHE A 106 -9.28 1.52 -6.28
N PRO A 107 -10.19 0.78 -6.94
CA PRO A 107 -10.03 -0.27 -7.96
C PRO A 107 -10.11 0.27 -9.37
N TYR A 108 -10.22 -0.61 -10.37
CA TYR A 108 -10.39 -0.20 -11.75
C TYR A 108 -11.87 -0.07 -12.08
N TYR A 109 -12.20 0.96 -12.86
CA TYR A 109 -13.57 1.22 -13.26
C TYR A 109 -13.69 1.19 -14.78
N PHE A 110 -14.77 0.60 -15.27
CA PHE A 110 -14.99 0.49 -16.72
C PHE A 110 -15.34 1.87 -17.27
N ASP A 111 -14.44 2.42 -18.09
CA ASP A 111 -14.63 3.75 -18.66
C ASP A 111 -14.69 3.77 -20.18
N TYR A 112 -14.54 2.63 -20.84
CA TYR A 112 -14.61 2.55 -22.30
C TYR A 112 -15.29 1.25 -22.68
N TRP A 113 -16.26 1.33 -23.60
CA TRP A 113 -17.02 0.18 -24.05
C TRP A 113 -17.10 0.18 -25.56
N GLY A 114 -17.30 -1.01 -26.12
CA GLY A 114 -17.63 -1.11 -27.53
C GLY A 114 -19.11 -0.92 -27.76
N GLN A 115 -19.49 -0.89 -29.04
CA GLN A 115 -20.90 -0.75 -29.38
C GLN A 115 -21.71 -1.98 -29.01
N GLY A 116 -21.07 -3.14 -28.89
CA GLY A 116 -21.76 -4.37 -28.56
C GLY A 116 -22.35 -5.05 -29.78
N THR A 117 -22.37 -6.38 -29.73
CA THR A 117 -22.96 -7.21 -30.77
C THR A 117 -23.91 -8.20 -30.12
N LEU A 118 -25.05 -8.43 -30.77
CA LEU A 118 -26.05 -9.35 -30.26
C LEU A 118 -25.74 -10.77 -30.72
N VAL A 119 -25.67 -11.70 -29.76
CA VAL A 119 -25.47 -13.12 -30.04
C VAL A 119 -26.71 -13.87 -29.60
N THR A 120 -27.27 -14.66 -30.51
CA THR A 120 -28.52 -15.39 -30.27
C THR A 120 -28.24 -16.88 -30.23
N VAL A 121 -28.71 -17.54 -29.18
CA VAL A 121 -28.61 -18.99 -29.05
C VAL A 121 -29.99 -19.57 -29.32
N SER A 122 -30.13 -20.27 -30.45
CA SER A 122 -31.42 -20.82 -30.85
C SER A 122 -31.21 -21.85 -31.94
N SER A 123 -32.14 -22.80 -32.02
CA SER A 123 -32.10 -23.83 -33.06
C SER A 123 -32.75 -23.36 -34.36
N ALA A 124 -33.35 -22.17 -34.37
CA ALA A 124 -34.00 -21.68 -35.58
C ALA A 124 -32.98 -21.39 -36.67
N SER A 125 -33.41 -21.59 -37.91
CA SER A 125 -32.59 -21.29 -39.08
C SER A 125 -32.81 -19.85 -39.52
N THR A 126 -31.77 -19.26 -40.08
CA THR A 126 -31.86 -17.89 -40.58
C THR A 126 -32.89 -17.81 -41.71
N LYS A 127 -33.77 -16.81 -41.62
CA LYS A 127 -34.87 -16.67 -42.57
C LYS A 127 -35.23 -15.20 -42.71
N GLY A 128 -35.42 -14.76 -43.95
CA GLY A 128 -35.83 -13.40 -44.21
C GLY A 128 -37.32 -13.23 -43.94
N PRO A 129 -37.74 -11.99 -43.76
CA PRO A 129 -39.13 -11.73 -43.37
C PRO A 129 -40.08 -11.69 -44.56
N SER A 130 -41.35 -11.94 -44.26
CA SER A 130 -42.45 -11.75 -45.20
C SER A 130 -43.17 -10.46 -44.83
N VAL A 131 -43.19 -9.51 -45.75
CA VAL A 131 -43.71 -8.17 -45.47
C VAL A 131 -45.12 -8.07 -46.06
N PHE A 132 -46.09 -7.75 -45.21
CA PHE A 132 -47.47 -7.56 -45.59
C PHE A 132 -47.90 -6.13 -45.27
N PRO A 133 -48.73 -5.51 -46.11
CA PRO A 133 -49.11 -4.11 -45.88
C PRO A 133 -50.20 -4.01 -44.82
N LEU A 134 -50.10 -2.93 -44.03
CA LEU A 134 -51.18 -2.52 -43.13
C LEU A 134 -51.95 -1.39 -43.82
N ALA A 135 -52.86 -1.78 -44.71
CA ALA A 135 -53.55 -0.79 -45.53
C ALA A 135 -54.41 0.13 -44.66
N PRO A 136 -54.46 1.41 -44.96
CA PRO A 136 -55.28 2.33 -44.19
C PRO A 136 -56.75 2.25 -44.57
N SER A 137 -57.61 2.50 -43.57
CA SER A 137 -59.05 2.50 -43.79
C SER A 137 -59.67 3.78 -43.25
N GLY A 144 -58.94 13.31 -40.24
CA GLY A 144 -57.92 13.95 -41.05
C GLY A 144 -56.59 13.23 -41.02
N THR A 145 -56.43 12.31 -40.07
CA THR A 145 -55.21 11.56 -39.89
C THR A 145 -55.47 10.08 -40.18
N ALA A 146 -54.64 9.49 -41.04
CA ALA A 146 -54.73 8.08 -41.37
C ALA A 146 -53.46 7.37 -40.94
N ALA A 147 -53.60 6.12 -40.53
CA ALA A 147 -52.47 5.30 -40.11
C ALA A 147 -52.29 4.15 -41.08
N LEU A 148 -51.07 3.97 -41.57
CA LEU A 148 -50.71 2.85 -42.43
C LEU A 148 -49.38 2.30 -41.94
N GLY A 149 -49.16 1.00 -42.20
CA GLY A 149 -47.94 0.37 -41.73
C GLY A 149 -47.49 -0.85 -42.51
N CYS A 150 -46.54 -1.58 -41.94
CA CYS A 150 -45.96 -2.76 -42.58
C CYS A 150 -45.73 -3.81 -41.51
N LEU A 151 -46.24 -5.02 -41.74
CA LEU A 151 -46.07 -6.12 -40.81
C LEU A 151 -44.88 -6.95 -41.27
N VAL A 152 -43.81 -6.93 -40.48
CA VAL A 152 -42.60 -7.70 -40.75
C VAL A 152 -42.68 -8.98 -39.93
N LYS A 153 -42.92 -10.10 -40.60
CA LYS A 153 -43.34 -11.33 -39.94
C LYS A 153 -42.35 -12.46 -40.23
N ASP A 154 -42.11 -13.29 -39.20
CA ASP A 154 -41.42 -14.58 -39.36
C ASP A 154 -40.03 -14.44 -39.97
N TYR A 155 -39.16 -13.73 -39.25
CA TYR A 155 -37.76 -13.62 -39.63
C TYR A 155 -36.88 -14.01 -38.45
N PHE A 156 -35.62 -14.30 -38.77
CA PHE A 156 -34.64 -14.73 -37.78
C PHE A 156 -33.23 -14.63 -38.37
N PRO A 157 -32.25 -14.13 -37.61
CA PRO A 157 -32.37 -13.54 -36.26
C PRO A 157 -32.49 -12.03 -36.32
N GLU A 158 -32.41 -11.37 -35.16
CA GLU A 158 -32.39 -9.92 -35.12
C GLU A 158 -31.09 -9.39 -35.74
N PRO A 159 -31.09 -8.15 -36.25
CA PRO A 159 -32.20 -7.21 -36.31
C PRO A 159 -32.79 -7.01 -37.71
N VAL A 160 -33.85 -6.20 -37.80
CA VAL A 160 -34.42 -5.75 -39.06
C VAL A 160 -34.55 -4.25 -39.01
N THR A 161 -34.01 -3.56 -40.02
CA THR A 161 -34.14 -2.12 -40.13
C THR A 161 -35.26 -1.79 -41.11
N VAL A 162 -36.15 -0.90 -40.71
CA VAL A 162 -37.27 -0.47 -41.54
C VAL A 162 -37.13 1.02 -41.81
N SER A 163 -37.38 1.41 -43.05
CA SER A 163 -37.44 2.81 -43.43
C SER A 163 -38.65 3.03 -44.32
N TRP A 164 -38.98 4.29 -44.56
CA TRP A 164 -40.15 4.65 -45.36
C TRP A 164 -39.73 5.61 -46.47
N ASN A 165 -40.08 5.27 -47.71
CA ASN A 165 -39.75 6.07 -48.88
C ASN A 165 -38.24 6.31 -48.97
N SER A 166 -37.45 5.27 -48.75
CA SER A 166 -35.99 5.33 -48.80
C SER A 166 -35.44 6.37 -47.84
N GLY A 167 -36.08 6.53 -46.69
CA GLY A 167 -35.66 7.50 -45.69
C GLY A 167 -36.30 8.86 -45.82
N ALA A 168 -37.13 9.09 -46.84
CA ALA A 168 -37.77 10.40 -46.99
C ALA A 168 -38.85 10.63 -45.93
N LEU A 169 -39.47 9.57 -45.45
CA LEU A 169 -40.57 9.66 -44.48
C LEU A 169 -40.06 9.19 -43.12
N THR A 170 -39.70 10.15 -42.27
CA THR A 170 -39.27 9.86 -40.90
C THR A 170 -40.22 10.39 -39.84
N SER A 171 -40.92 11.48 -40.11
CA SER A 171 -41.84 12.05 -39.14
C SER A 171 -43.08 11.18 -39.02
N GLY A 172 -43.48 10.89 -37.78
CA GLY A 172 -44.64 10.08 -37.51
C GLY A 172 -44.41 8.58 -37.57
N VAL A 173 -43.17 8.14 -37.84
CA VAL A 173 -42.89 6.72 -37.99
C VAL A 173 -42.68 6.11 -36.60
N HIS A 174 -43.30 4.95 -36.38
CA HIS A 174 -43.08 4.15 -35.17
C HIS A 174 -42.75 2.72 -35.59
N THR A 175 -41.51 2.31 -35.39
CA THR A 175 -41.10 0.93 -35.62
C THR A 175 -41.00 0.24 -34.27
N PHE A 176 -41.94 -0.67 -34.00
CA PHE A 176 -42.01 -1.31 -32.71
C PHE A 176 -40.88 -2.32 -32.54
N PRO A 177 -40.44 -2.55 -31.30
CA PRO A 177 -39.43 -3.60 -31.06
C PRO A 177 -39.99 -4.96 -31.42
N ALA A 178 -39.10 -5.85 -31.87
CA ALA A 178 -39.51 -7.17 -32.31
C ALA A 178 -40.08 -7.98 -31.14
N VAL A 179 -40.81 -9.04 -31.48
CA VAL A 179 -41.42 -9.94 -30.51
C VAL A 179 -41.08 -11.36 -30.91
N LEU A 180 -40.52 -12.13 -29.97
CA LEU A 180 -40.17 -13.52 -30.22
C LEU A 180 -41.43 -14.37 -30.18
N GLN A 181 -41.90 -14.79 -31.36
CA GLN A 181 -43.07 -15.65 -31.44
C GLN A 181 -42.73 -17.05 -30.94
N SER A 182 -43.77 -17.80 -30.55
CA SER A 182 -43.57 -19.14 -30.02
C SER A 182 -42.95 -20.09 -31.04
N SER A 183 -42.98 -19.74 -32.33
CA SER A 183 -42.31 -20.54 -33.34
C SER A 183 -40.80 -20.36 -33.35
N GLY A 184 -40.28 -19.45 -32.52
CA GLY A 184 -38.86 -19.15 -32.51
C GLY A 184 -38.44 -18.06 -33.45
N LEU A 185 -39.37 -17.50 -34.22
CA LEU A 185 -39.07 -16.43 -35.17
C LEU A 185 -39.57 -15.10 -34.63
N TYR A 186 -38.97 -14.02 -35.14
CA TYR A 186 -39.29 -12.67 -34.71
C TYR A 186 -40.28 -12.02 -35.66
N SER A 187 -40.96 -11.00 -35.16
CA SER A 187 -41.93 -10.27 -35.95
C SER A 187 -42.15 -8.90 -35.33
N LEU A 188 -42.29 -7.88 -36.18
CA LEU A 188 -42.50 -6.51 -35.72
C LEU A 188 -43.38 -5.79 -36.72
N SER A 189 -43.81 -4.59 -36.34
CA SER A 189 -44.62 -3.74 -37.20
C SER A 189 -44.06 -2.33 -37.18
N SER A 190 -44.10 -1.66 -38.33
CA SER A 190 -43.67 -0.28 -38.46
C SER A 190 -44.83 0.51 -39.07
N VAL A 191 -45.37 1.45 -38.29
CA VAL A 191 -46.53 2.22 -38.71
C VAL A 191 -46.12 3.69 -38.81
N VAL A 192 -46.95 4.46 -39.50
CA VAL A 192 -46.75 5.90 -39.66
C VAL A 192 -48.10 6.55 -39.84
N THR A 193 -48.27 7.72 -39.22
CA THR A 193 -49.50 8.50 -39.35
C THR A 193 -49.27 9.62 -40.37
N VAL A 194 -50.09 9.65 -41.41
CA VAL A 194 -50.01 10.67 -42.45
C VAL A 194 -51.38 11.31 -42.60
N PRO A 195 -51.44 12.51 -43.17
CA PRO A 195 -52.74 13.12 -43.44
C PRO A 195 -53.55 12.28 -44.40
N SER A 196 -54.85 12.13 -44.09
CA SER A 196 -55.73 11.32 -44.92
C SER A 196 -55.87 11.87 -46.33
N SER A 197 -55.58 13.16 -46.53
CA SER A 197 -55.64 13.74 -47.86
C SER A 197 -54.45 13.31 -48.72
N SER A 198 -53.35 12.87 -48.11
CA SER A 198 -52.19 12.45 -48.87
C SER A 198 -52.35 11.04 -49.44
N LEU A 199 -53.34 10.28 -48.98
CA LEU A 199 -53.60 8.97 -49.58
C LEU A 199 -54.13 9.13 -51.00
N GLY A 200 -53.65 8.28 -51.90
CA GLY A 200 -53.99 8.39 -53.30
C GLY A 200 -53.20 9.41 -54.07
N THR A 201 -52.35 10.19 -53.39
CA THR A 201 -51.47 11.17 -54.02
C THR A 201 -50.00 10.87 -53.78
N GLN A 202 -49.63 10.48 -52.56
CA GLN A 202 -48.26 10.11 -52.22
C GLN A 202 -48.17 8.60 -52.07
N THR A 203 -47.16 8.00 -52.69
CA THR A 203 -46.92 6.57 -52.54
C THR A 203 -46.14 6.30 -51.26
N TYR A 204 -46.49 5.21 -50.58
CA TYR A 204 -45.85 4.86 -49.31
C TYR A 204 -45.19 3.49 -49.48
N ILE A 205 -43.87 3.48 -49.39
CA ILE A 205 -43.06 2.28 -49.54
C ILE A 205 -42.30 2.06 -48.23
N CYS A 206 -42.49 0.89 -47.62
CA CYS A 206 -41.68 0.52 -46.48
C CYS A 206 -40.50 -0.33 -46.95
N ASN A 207 -39.29 0.10 -46.60
CA ASN A 207 -38.06 -0.55 -47.03
C ASN A 207 -37.55 -1.42 -45.88
N VAL A 208 -37.72 -2.73 -46.01
CA VAL A 208 -37.35 -3.68 -44.97
C VAL A 208 -36.02 -4.31 -45.34
N ASN A 209 -35.05 -4.22 -44.44
CA ASN A 209 -33.71 -4.77 -44.64
C ASN A 209 -33.42 -5.79 -43.55
N HIS A 210 -33.03 -6.99 -43.94
CA HIS A 210 -32.62 -8.05 -43.02
C HIS A 210 -31.22 -8.50 -43.45
N LYS A 211 -30.21 -7.92 -42.80
CA LYS A 211 -28.83 -8.26 -43.13
C LYS A 211 -28.47 -9.73 -42.91
N PRO A 212 -28.83 -10.39 -41.79
CA PRO A 212 -28.34 -11.76 -41.56
C PRO A 212 -28.82 -12.79 -42.58
N SER A 213 -29.64 -12.36 -43.54
CA SER A 213 -30.11 -13.25 -44.59
C SER A 213 -30.04 -12.61 -45.97
N ASN A 214 -29.51 -11.39 -46.09
CA ASN A 214 -29.40 -10.67 -47.37
C ASN A 214 -30.77 -10.48 -48.01
N THR A 215 -31.77 -10.20 -47.17
CA THR A 215 -33.13 -9.97 -47.63
C THR A 215 -33.42 -8.48 -47.67
N LYS A 216 -33.69 -7.96 -48.87
CA LYS A 216 -34.15 -6.58 -49.05
C LYS A 216 -35.52 -6.64 -49.70
N VAL A 217 -36.53 -6.07 -49.03
CA VAL A 217 -37.90 -6.10 -49.50
C VAL A 217 -38.44 -4.69 -49.53
N ASP A 218 -39.09 -4.31 -50.64
CA ASP A 218 -39.85 -3.08 -50.75
C ASP A 218 -41.32 -3.43 -50.89
N LYS A 219 -42.17 -2.70 -50.19
CA LYS A 219 -43.61 -3.02 -50.14
C LYS A 219 -44.42 -1.75 -50.31
N ARG A 220 -45.26 -1.72 -51.34
CA ARG A 220 -46.20 -0.64 -51.53
C ARG A 220 -47.40 -0.82 -50.62
N VAL A 221 -47.74 0.23 -49.87
CA VAL A 221 -48.86 0.20 -48.94
C VAL A 221 -49.92 1.16 -49.48
N GLU A 222 -50.97 0.61 -50.09
CA GLU A 222 -52.05 1.40 -50.65
C GLU A 222 -53.38 0.99 -50.04
N PRO A 223 -54.36 1.90 -49.98
CA PRO A 223 -55.67 1.58 -49.41
C PRO A 223 -56.49 0.62 -50.28
N ILE B 2 -21.74 -11.19 -2.73
CA ILE B 2 -22.36 -9.89 -2.49
C ILE B 2 -23.40 -9.60 -3.56
N GLN B 3 -24.56 -9.12 -3.12
CA GLN B 3 -25.66 -8.80 -4.02
C GLN B 3 -26.00 -7.32 -3.89
N LEU B 4 -26.38 -6.71 -5.00
CA LEU B 4 -26.73 -5.29 -5.05
C LEU B 4 -28.20 -5.16 -5.44
N THR B 5 -28.98 -4.55 -4.55
CA THR B 5 -30.39 -4.27 -4.79
C THR B 5 -30.58 -2.76 -4.76
N GLN B 6 -30.99 -2.19 -5.89
CA GLN B 6 -31.24 -0.77 -6.00
C GLN B 6 -32.73 -0.52 -6.22
N SER B 7 -33.19 0.64 -5.75
CA SER B 7 -34.60 0.99 -5.78
C SER B 7 -34.73 2.48 -6.02
N PRO B 8 -35.83 2.93 -6.65
CA PRO B 8 -36.93 2.13 -7.22
C PRO B 8 -36.52 1.51 -8.55
N SER B 9 -37.32 0.58 -9.09
CA SER B 9 -37.02 0.05 -10.42
C SER B 9 -37.42 1.03 -11.52
N PHE B 10 -38.44 1.85 -11.27
CA PHE B 10 -38.91 2.83 -12.24
C PHE B 10 -39.15 4.15 -11.54
N LEU B 11 -38.66 5.23 -12.13
CA LEU B 11 -38.90 6.58 -11.64
C LEU B 11 -39.63 7.38 -12.72
N SER B 12 -40.49 8.30 -12.28
CA SER B 12 -41.24 9.17 -13.19
C SER B 12 -41.14 10.59 -12.66
N ALA B 13 -40.42 11.45 -13.38
CA ALA B 13 -40.22 12.83 -12.96
C ALA B 13 -40.18 13.74 -14.18
N SER B 14 -40.44 15.01 -13.94
CA SER B 14 -40.47 16.01 -14.99
C SER B 14 -39.12 16.71 -15.10
N VAL B 15 -38.93 17.41 -16.22
CA VAL B 15 -37.71 18.17 -16.43
C VAL B 15 -37.63 19.29 -15.40
N GLY B 16 -36.50 19.35 -14.68
CA GLY B 16 -36.32 20.28 -13.59
C GLY B 16 -36.50 19.68 -12.22
N ASP B 17 -37.02 18.46 -12.12
CA ASP B 17 -37.25 17.81 -10.84
C ASP B 17 -35.94 17.25 -10.28
N ARG B 18 -36.02 16.77 -9.04
CA ARG B 18 -34.89 16.16 -8.35
C ARG B 18 -35.25 14.74 -7.97
N VAL B 19 -34.39 13.79 -8.32
CA VAL B 19 -34.62 12.38 -8.06
C VAL B 19 -33.40 11.79 -7.36
N THR B 20 -33.64 10.76 -6.55
CA THR B 20 -32.59 10.06 -5.82
C THR B 20 -32.78 8.56 -5.99
N ILE B 21 -31.69 7.86 -6.31
CA ILE B 21 -31.71 6.42 -6.49
C ILE B 21 -30.80 5.80 -5.43
N THR B 22 -31.29 4.76 -4.77
CA THR B 22 -30.59 4.11 -3.67
C THR B 22 -30.05 2.76 -4.13
N CYS B 23 -28.78 2.48 -3.82
CA CYS B 23 -28.15 1.19 -4.09
C CYS B 23 -27.70 0.60 -2.76
N ARG B 24 -28.18 -0.61 -2.46
CA ARG B 24 -27.96 -1.25 -1.17
C ARG B 24 -27.11 -2.49 -1.35
N ALA B 25 -25.94 -2.50 -0.71
CA ALA B 25 -25.03 -3.63 -0.78
C ALA B 25 -25.28 -4.59 0.38
N SER B 26 -25.00 -5.88 0.15
CA SER B 26 -25.45 -6.89 1.09
C SER B 26 -24.51 -7.12 2.27
N GLN B 27 -23.20 -6.92 2.11
CA GLN B 27 -22.32 -7.08 3.27
C GLN B 27 -21.23 -6.02 3.42
N GLY B 28 -21.18 -5.01 2.57
CA GLY B 28 -20.16 -3.97 2.74
C GLY B 28 -19.31 -3.76 1.51
N ILE B 29 -19.25 -2.53 1.02
CA ILE B 29 -18.49 -2.21 -0.18
C ILE B 29 -17.31 -1.27 0.08
N SER B 30 -17.29 -0.56 1.21
CA SER B 30 -16.48 0.63 1.42
C SER B 30 -17.01 1.73 0.52
N SER B 31 -16.17 2.29 -0.36
CA SER B 31 -16.62 3.28 -1.33
C SER B 31 -16.36 2.83 -2.76
N TYR B 32 -16.24 1.53 -2.99
CA TYR B 32 -15.93 0.99 -4.32
C TYR B 32 -17.21 0.74 -5.12
N LEU B 33 -17.95 1.83 -5.35
CA LEU B 33 -19.23 1.80 -6.03
C LEU B 33 -19.19 2.77 -7.20
N ALA B 34 -19.82 2.39 -8.31
CA ALA B 34 -19.92 3.25 -9.48
C ALA B 34 -21.36 3.35 -9.93
N TRP B 35 -21.65 4.41 -10.68
CA TRP B 35 -22.98 4.67 -11.24
C TRP B 35 -22.87 4.79 -12.75
N TYR B 36 -23.72 4.09 -13.47
CA TYR B 36 -23.71 4.09 -14.93
C TYR B 36 -25.03 4.61 -15.48
N GLN B 37 -24.95 5.22 -16.66
CA GLN B 37 -26.12 5.69 -17.40
C GLN B 37 -26.16 4.96 -18.74
N GLN B 38 -27.33 4.45 -19.11
CA GLN B 38 -27.48 3.70 -20.34
C GLN B 38 -28.74 4.15 -21.07
N LYS B 39 -28.57 4.63 -22.31
CA LYS B 39 -29.65 4.93 -23.22
C LYS B 39 -29.91 3.72 -24.12
N PRO B 40 -31.15 3.54 -24.59
CA PRO B 40 -31.47 2.33 -25.36
C PRO B 40 -30.58 2.19 -26.60
N GLY B 41 -30.03 0.99 -26.77
CA GLY B 41 -29.14 0.69 -27.87
C GLY B 41 -27.71 1.15 -27.71
N LYS B 42 -27.39 1.86 -26.63
CA LYS B 42 -26.06 2.38 -26.38
C LYS B 42 -25.39 1.62 -25.24
N ALA B 43 -24.07 1.62 -25.25
CA ALA B 43 -23.31 1.05 -24.15
C ALA B 43 -23.47 1.93 -22.90
N PRO B 44 -23.38 1.33 -21.71
CA PRO B 44 -23.49 2.12 -20.48
C PRO B 44 -22.39 3.16 -20.40
N LYS B 45 -22.74 4.32 -19.83
CA LYS B 45 -21.82 5.44 -19.69
C LYS B 45 -21.54 5.67 -18.21
N LEU B 46 -20.26 5.61 -17.84
CA LEU B 46 -19.87 5.80 -16.46
C LEU B 46 -20.06 7.26 -16.04
N LEU B 47 -20.78 7.47 -14.94
CA LEU B 47 -21.05 8.81 -14.43
C LEU B 47 -20.23 9.14 -13.19
N ILE B 48 -20.27 8.28 -12.17
CA ILE B 48 -19.60 8.54 -10.90
C ILE B 48 -18.83 7.29 -10.49
N TYR B 49 -17.59 7.47 -10.04
CA TYR B 49 -16.83 6.38 -9.46
C TYR B 49 -16.37 6.75 -8.05
N ALA B 50 -15.89 5.72 -7.34
CA ALA B 50 -15.50 5.79 -5.92
C ALA B 50 -16.64 6.36 -5.08
N ALA B 51 -17.85 6.27 -5.62
CA ALA B 51 -19.15 6.41 -5.01
C ALA B 51 -19.49 7.87 -4.68
N SER B 52 -18.53 8.80 -4.86
CA SER B 52 -18.87 10.21 -4.96
C SER B 52 -18.13 11.00 -6.05
N THR B 53 -17.22 10.39 -6.79
CA THR B 53 -16.35 11.14 -7.69
C THR B 53 -16.97 11.23 -9.08
N LEU B 54 -17.06 12.43 -9.62
CA LEU B 54 -17.60 12.62 -10.96
C LEU B 54 -16.56 12.22 -12.00
N GLN B 55 -17.02 11.54 -13.05
CA GLN B 55 -16.18 11.27 -14.20
C GLN B 55 -16.03 12.54 -15.04
N SER B 56 -14.91 12.64 -15.76
CA SER B 56 -14.69 13.75 -16.67
C SER B 56 -15.88 13.94 -17.60
N GLY B 57 -16.33 15.19 -17.74
CA GLY B 57 -17.45 15.52 -18.59
C GLY B 57 -18.81 15.41 -17.95
N VAL B 58 -18.92 14.72 -16.82
CA VAL B 58 -20.23 14.56 -16.17
C VAL B 58 -20.59 15.88 -15.47
N PRO B 59 -21.79 16.41 -15.69
CA PRO B 59 -22.13 17.72 -15.13
C PRO B 59 -22.36 17.66 -13.63
N SER B 60 -22.27 18.84 -13.00
CA SER B 60 -22.32 18.92 -11.54
C SER B 60 -23.68 18.54 -10.97
N ARG B 61 -24.74 18.51 -11.79
CA ARG B 61 -26.05 18.16 -11.26
C ARG B 61 -26.12 16.70 -10.83
N PHE B 62 -25.15 15.87 -11.21
CA PHE B 62 -25.04 14.51 -10.70
C PHE B 62 -24.21 14.50 -9.43
N SER B 63 -24.62 13.69 -8.46
CA SER B 63 -23.89 13.58 -7.20
C SER B 63 -24.18 12.23 -6.57
N GLY B 64 -23.14 11.61 -6.02
CA GLY B 64 -23.30 10.37 -5.31
C GLY B 64 -22.70 10.46 -3.92
N SER B 65 -23.12 9.55 -3.06
CA SER B 65 -22.69 9.54 -1.66
C SER B 65 -22.91 8.15 -1.10
N GLY B 66 -22.32 7.92 0.07
CA GLY B 66 -22.51 6.65 0.75
C GLY B 66 -21.23 5.88 0.95
N SER B 67 -21.14 5.12 2.04
CA SER B 67 -19.98 4.28 2.28
C SER B 67 -20.44 3.00 2.98
N GLY B 68 -19.86 1.88 2.54
CA GLY B 68 -20.06 0.57 3.12
C GLY B 68 -21.25 -0.21 2.59
N THR B 69 -22.47 0.19 2.94
CA THR B 69 -23.62 -0.58 2.48
C THR B 69 -24.66 0.22 1.71
N GLU B 70 -24.91 1.47 2.09
CA GLU B 70 -25.98 2.26 1.47
C GLU B 70 -25.35 3.33 0.59
N PHE B 71 -25.75 3.36 -0.68
CA PHE B 71 -25.28 4.36 -1.63
C PHE B 71 -26.47 5.05 -2.28
N THR B 72 -26.25 6.29 -2.71
CA THR B 72 -27.33 7.10 -3.26
C THR B 72 -26.80 7.95 -4.41
N LEU B 73 -27.51 7.93 -5.54
CA LEU B 73 -27.25 8.81 -6.66
C LEU B 73 -28.35 9.85 -6.73
N THR B 74 -27.97 11.12 -6.89
CA THR B 74 -28.92 12.23 -6.87
C THR B 74 -28.77 13.04 -8.15
N ILE B 75 -29.88 13.28 -8.83
CA ILE B 75 -29.93 14.14 -10.01
C ILE B 75 -30.83 15.32 -9.67
N SER B 76 -30.22 16.41 -9.22
CA SER B 76 -30.94 17.67 -9.05
C SER B 76 -31.13 18.35 -10.41
N SER B 77 -32.30 18.96 -10.59
CA SER B 77 -32.58 19.74 -11.81
C SER B 77 -32.45 18.88 -13.07
N LEU B 78 -33.29 17.85 -13.15
CA LEU B 78 -33.20 16.86 -14.23
C LEU B 78 -33.34 17.54 -15.59
N GLN B 79 -32.48 17.15 -16.52
CA GLN B 79 -32.42 17.65 -17.88
C GLN B 79 -32.98 16.62 -18.86
N PRO B 80 -33.43 17.06 -20.04
CA PRO B 80 -33.98 16.10 -21.01
C PRO B 80 -33.05 14.95 -21.35
N GLU B 81 -31.75 15.23 -21.51
CA GLU B 81 -30.79 14.18 -21.83
C GLU B 81 -30.52 13.24 -20.66
N ASP B 82 -31.05 13.54 -19.47
CA ASP B 82 -30.79 12.73 -18.28
C ASP B 82 -31.72 11.55 -18.14
N PHE B 83 -32.74 11.43 -18.99
CA PHE B 83 -33.72 10.35 -18.85
C PHE B 83 -33.18 9.10 -19.55
N ALA B 84 -32.84 8.10 -18.76
CA ALA B 84 -32.17 6.89 -19.22
C ALA B 84 -32.36 5.82 -18.15
N THR B 85 -31.66 4.70 -18.30
CA THR B 85 -31.61 3.68 -17.26
C THR B 85 -30.29 3.79 -16.52
N TYR B 86 -30.35 3.61 -15.20
CA TYR B 86 -29.18 3.80 -14.33
C TYR B 86 -28.87 2.52 -13.59
N TYR B 87 -27.59 2.16 -13.54
CA TYR B 87 -27.11 1.00 -12.82
C TYR B 87 -26.06 1.42 -11.79
N CYS B 88 -26.05 0.74 -10.65
CA CYS B 88 -24.93 0.82 -9.73
C CYS B 88 -24.09 -0.45 -9.85
N GLN B 89 -22.79 -0.32 -9.59
CA GLN B 89 -21.87 -1.45 -9.71
C GLN B 89 -20.83 -1.38 -8.61
N ARG B 90 -20.60 -2.51 -7.95
CA ARG B 90 -19.53 -2.62 -6.97
C ARG B 90 -18.25 -3.06 -7.67
N LEU B 91 -17.11 -2.51 -7.22
CA LEU B 91 -15.82 -2.80 -7.82
C LEU B 91 -14.82 -3.35 -6.81
N ASN B 92 -15.26 -3.71 -5.61
CA ASN B 92 -14.33 -4.18 -4.59
C ASN B 92 -13.73 -5.54 -4.94
N SER B 93 -14.47 -6.37 -5.69
CA SER B 93 -14.02 -7.71 -6.02
C SER B 93 -14.85 -8.23 -7.19
N TYR B 94 -14.27 -9.14 -7.96
CA TYR B 94 -15.08 -9.69 -9.03
C TYR B 94 -16.07 -10.71 -8.47
N PRO B 95 -17.20 -10.93 -9.14
CA PRO B 95 -17.58 -10.54 -10.51
C PRO B 95 -18.11 -9.12 -10.71
N TYR B 96 -17.83 -8.17 -9.80
CA TYR B 96 -18.20 -6.77 -9.99
C TYR B 96 -19.70 -6.62 -10.24
N THR B 97 -20.50 -7.05 -9.25
CA THR B 97 -21.93 -7.18 -9.42
C THR B 97 -22.58 -5.84 -9.76
N PHE B 98 -23.48 -5.88 -10.75
CA PHE B 98 -24.31 -4.75 -11.11
C PHE B 98 -25.63 -4.81 -10.37
N GLY B 99 -26.25 -3.65 -10.19
CA GLY B 99 -27.64 -3.62 -9.80
C GLY B 99 -28.55 -3.98 -10.95
N GLN B 100 -29.78 -4.37 -10.61
CA GLN B 100 -30.72 -4.74 -11.67
C GLN B 100 -31.27 -3.51 -12.40
N GLY B 101 -30.93 -2.31 -11.98
CA GLY B 101 -31.16 -1.14 -12.78
C GLY B 101 -32.41 -0.37 -12.38
N THR B 102 -32.39 0.93 -12.64
CA THR B 102 -33.56 1.80 -12.46
C THR B 102 -33.74 2.62 -13.73
N LYS B 103 -34.97 2.63 -14.24
CA LYS B 103 -35.29 3.36 -15.47
C LYS B 103 -36.22 4.51 -15.12
N LEU B 104 -35.73 5.74 -15.32
CA LEU B 104 -36.49 6.93 -15.01
C LEU B 104 -36.93 7.62 -16.30
N GLU B 105 -38.25 7.70 -16.48
CA GLU B 105 -38.86 8.30 -17.66
C GLU B 105 -39.42 9.67 -17.32
N ILE B 106 -39.66 10.47 -18.36
CA ILE B 106 -40.10 11.84 -18.16
C ILE B 106 -41.61 11.87 -17.99
N LYS B 107 -42.06 12.54 -16.93
CA LYS B 107 -43.47 12.64 -16.61
C LYS B 107 -44.09 13.83 -17.33
N ARG B 108 -45.27 13.61 -17.92
CA ARG B 108 -45.97 14.65 -18.66
C ARG B 108 -47.46 14.52 -18.37
N THR B 109 -48.28 15.26 -19.11
CA THR B 109 -49.71 15.25 -18.89
C THR B 109 -50.33 14.03 -19.57
N VAL B 110 -51.54 13.68 -19.13
CA VAL B 110 -52.23 12.51 -19.66
C VAL B 110 -52.59 12.75 -21.12
N ALA B 111 -52.30 11.77 -21.97
CA ALA B 111 -52.63 11.82 -23.39
C ALA B 111 -53.40 10.57 -23.76
N ALA B 112 -54.58 10.76 -24.39
CA ALA B 112 -55.36 9.63 -24.83
C ALA B 112 -54.77 9.04 -26.12
N PRO B 113 -54.86 7.74 -26.32
CA PRO B 113 -54.34 7.13 -27.54
C PRO B 113 -55.33 7.23 -28.69
N SER B 114 -54.77 7.29 -29.90
CA SER B 114 -55.53 7.11 -31.13
C SER B 114 -55.51 5.63 -31.48
N VAL B 115 -56.68 5.02 -31.61
CA VAL B 115 -56.80 3.59 -31.79
C VAL B 115 -57.10 3.30 -33.26
N PHE B 116 -56.29 2.43 -33.87
CA PHE B 116 -56.50 1.96 -35.22
C PHE B 116 -56.50 0.44 -35.23
N ILE B 117 -57.29 -0.14 -36.13
CA ILE B 117 -57.34 -1.58 -36.32
C ILE B 117 -57.00 -1.88 -37.78
N PHE B 118 -56.29 -2.98 -38.00
CA PHE B 118 -55.81 -3.35 -39.33
C PHE B 118 -56.20 -4.79 -39.60
N PRO B 119 -57.07 -5.05 -40.58
CA PRO B 119 -57.42 -6.43 -40.91
C PRO B 119 -56.27 -7.11 -41.63
N PRO B 120 -56.23 -8.45 -41.62
CA PRO B 120 -55.16 -9.15 -42.34
C PRO B 120 -55.19 -8.85 -43.82
N SER B 121 -54.01 -8.85 -44.43
CA SER B 121 -53.91 -8.64 -45.87
C SER B 121 -54.27 -9.91 -46.62
N ASP B 122 -54.71 -9.73 -47.87
CA ASP B 122 -55.06 -10.87 -48.70
C ASP B 122 -53.82 -11.67 -49.08
N GLU B 123 -52.68 -11.01 -49.18
CA GLU B 123 -51.43 -11.70 -49.47
C GLU B 123 -51.06 -12.65 -48.34
N GLN B 124 -51.14 -12.18 -47.09
CA GLN B 124 -50.87 -13.05 -45.95
C GLN B 124 -51.90 -14.15 -45.83
N LEU B 125 -53.16 -13.88 -46.18
CA LEU B 125 -54.21 -14.87 -46.06
C LEU B 125 -53.98 -16.06 -46.98
N LYS B 126 -53.31 -15.84 -48.11
CA LYS B 126 -53.00 -16.94 -49.02
C LYS B 126 -52.02 -17.93 -48.42
N SER B 127 -51.19 -17.49 -47.47
CA SER B 127 -50.24 -18.38 -46.82
C SER B 127 -50.85 -19.18 -45.68
N GLY B 128 -52.09 -18.91 -45.31
CA GLY B 128 -52.78 -19.67 -44.28
C GLY B 128 -52.76 -19.07 -42.89
N THR B 129 -52.41 -17.79 -42.75
CA THR B 129 -52.33 -17.16 -41.44
C THR B 129 -52.91 -15.76 -41.53
N ALA B 130 -53.67 -15.36 -40.51
CA ALA B 130 -54.28 -14.04 -40.43
C ALA B 130 -53.72 -13.30 -39.23
N SER B 131 -53.33 -12.05 -39.44
CA SER B 131 -52.80 -11.19 -38.38
C SER B 131 -53.62 -9.91 -38.33
N VAL B 132 -54.30 -9.69 -37.21
CA VAL B 132 -55.04 -8.45 -36.97
C VAL B 132 -54.22 -7.60 -36.01
N VAL B 133 -54.02 -6.33 -36.37
CA VAL B 133 -53.13 -5.43 -35.63
C VAL B 133 -53.95 -4.28 -35.08
N CYS B 134 -53.85 -4.05 -33.77
CA CYS B 134 -54.44 -2.92 -33.09
C CYS B 134 -53.33 -1.97 -32.67
N LEU B 135 -53.47 -0.69 -33.01
CA LEU B 135 -52.42 0.30 -32.78
C LEU B 135 -52.91 1.39 -31.84
N LEU B 136 -52.12 1.68 -30.83
CA LEU B 136 -52.35 2.76 -29.87
C LEU B 136 -51.27 3.81 -30.06
N ASN B 137 -51.66 5.01 -30.50
CA ASN B 137 -50.72 6.04 -30.94
C ASN B 137 -50.64 7.18 -29.94
N ASN B 138 -49.41 7.54 -29.56
CA ASN B 138 -49.12 8.82 -28.91
C ASN B 138 -49.95 9.06 -27.64
N PHE B 139 -49.77 8.18 -26.65
CA PHE B 139 -50.52 8.28 -25.41
C PHE B 139 -49.58 8.25 -24.21
N TYR B 140 -50.12 8.69 -23.06
CA TYR B 140 -49.43 8.75 -21.78
C TYR B 140 -50.49 8.70 -20.69
N PRO B 141 -50.28 7.92 -19.61
CA PRO B 141 -49.08 7.14 -19.28
C PRO B 141 -48.92 5.86 -20.08
N ARG B 142 -47.85 5.11 -19.80
CA ARG B 142 -47.58 3.85 -20.49
C ARG B 142 -48.63 2.79 -20.23
N GLU B 143 -49.37 2.90 -19.12
CA GLU B 143 -50.29 1.84 -18.71
C GLU B 143 -51.51 1.84 -19.61
N ALA B 144 -51.78 0.70 -20.24
CA ALA B 144 -52.93 0.58 -21.14
C ALA B 144 -53.28 -0.89 -21.29
N LYS B 145 -54.56 -1.21 -21.08
CA LYS B 145 -55.09 -2.56 -21.25
C LYS B 145 -55.72 -2.68 -22.64
N VAL B 146 -55.25 -3.63 -23.44
CA VAL B 146 -55.78 -3.87 -24.77
C VAL B 146 -56.33 -5.29 -24.80
N GLN B 147 -57.59 -5.42 -25.18
CA GLN B 147 -58.28 -6.70 -25.20
C GLN B 147 -58.78 -6.99 -26.61
N TRP B 148 -58.68 -8.26 -27.01
CA TRP B 148 -59.17 -8.72 -28.30
C TRP B 148 -60.49 -9.44 -28.10
N LYS B 149 -61.50 -9.06 -28.87
CA LYS B 149 -62.82 -9.70 -28.80
C LYS B 149 -63.22 -10.13 -30.19
N VAL B 150 -63.41 -11.43 -30.37
CA VAL B 150 -63.80 -12.02 -31.64
C VAL B 150 -65.24 -12.50 -31.49
N ASP B 151 -66.15 -11.85 -32.23
CA ASP B 151 -67.59 -12.06 -32.04
C ASP B 151 -68.00 -11.81 -30.60
N ASN B 152 -67.39 -10.78 -29.99
CA ASN B 152 -67.64 -10.37 -28.60
C ASN B 152 -67.19 -11.45 -27.60
N ALA B 153 -66.21 -12.26 -27.98
CA ALA B 153 -65.62 -13.24 -27.08
C ALA B 153 -64.17 -12.84 -26.80
N LEU B 154 -63.85 -12.62 -25.52
CA LEU B 154 -62.52 -12.18 -25.14
C LEU B 154 -61.48 -13.22 -25.51
N GLN B 155 -60.43 -12.79 -26.20
CA GLN B 155 -59.37 -13.67 -26.65
C GLN B 155 -58.22 -13.71 -25.63
N SER B 156 -57.59 -14.88 -25.53
CA SER B 156 -56.44 -15.06 -24.66
C SER B 156 -55.48 -16.06 -25.28
N GLY B 157 -54.19 -15.79 -25.14
CA GLY B 157 -53.17 -16.72 -25.60
C GLY B 157 -52.86 -16.69 -27.07
N ASN B 158 -53.40 -15.73 -27.82
CA ASN B 158 -53.16 -15.64 -29.26
C ASN B 158 -52.81 -14.22 -29.68
N SER B 159 -52.29 -13.42 -28.75
CA SER B 159 -51.91 -12.04 -29.03
C SER B 159 -50.62 -11.71 -28.32
N GLN B 160 -49.86 -10.78 -28.90
CA GLN B 160 -48.62 -10.29 -28.33
C GLN B 160 -48.59 -8.77 -28.44
N GLU B 161 -47.83 -8.14 -27.55
CA GLU B 161 -47.82 -6.70 -27.41
C GLU B 161 -46.41 -6.15 -27.58
N SER B 162 -46.32 -4.92 -28.06
CA SER B 162 -45.04 -4.24 -28.24
C SER B 162 -45.24 -2.75 -27.99
N VAL B 163 -44.34 -2.16 -27.22
CA VAL B 163 -44.41 -0.74 -26.87
C VAL B 163 -43.13 -0.07 -27.32
N THR B 164 -43.25 1.10 -27.95
CA THR B 164 -42.07 1.87 -28.30
C THR B 164 -41.46 2.51 -27.06
N GLU B 165 -40.21 2.94 -27.19
CA GLU B 165 -39.61 3.77 -26.17
C GLU B 165 -40.29 5.14 -26.16
N GLN B 166 -40.19 5.82 -25.01
CA GLN B 166 -40.82 7.12 -24.87
C GLN B 166 -40.25 8.08 -25.90
N ASP B 167 -41.15 8.72 -26.66
CA ASP B 167 -40.73 9.59 -27.76
C ASP B 167 -39.94 10.77 -27.21
N SER B 168 -38.75 10.98 -27.77
CA SER B 168 -37.87 12.06 -27.33
C SER B 168 -38.40 13.44 -27.69
N LYS B 169 -39.52 13.53 -28.40
CA LYS B 169 -40.08 14.81 -28.83
C LYS B 169 -41.36 15.21 -28.09
N ASP B 170 -42.23 14.26 -27.76
CA ASP B 170 -43.45 14.58 -27.03
C ASP B 170 -43.66 13.72 -25.79
N SER B 171 -42.74 12.83 -25.46
CA SER B 171 -42.77 12.04 -24.23
C SER B 171 -43.98 11.10 -24.16
N THR B 172 -44.48 10.66 -25.32
CA THR B 172 -45.60 9.73 -25.37
C THR B 172 -45.11 8.34 -25.73
N TYR B 173 -46.03 7.38 -25.70
CA TYR B 173 -45.76 6.00 -26.06
C TYR B 173 -46.69 5.57 -27.18
N SER B 174 -46.29 4.52 -27.88
CA SER B 174 -47.13 3.87 -28.88
C SER B 174 -47.11 2.37 -28.64
N LEU B 175 -48.28 1.74 -28.77
CA LEU B 175 -48.45 0.33 -28.47
C LEU B 175 -49.08 -0.37 -29.66
N SER B 176 -48.64 -1.60 -29.90
CA SER B 176 -49.19 -2.44 -30.95
C SER B 176 -49.54 -3.81 -30.36
N SER B 177 -50.69 -4.33 -30.77
CA SER B 177 -51.12 -5.66 -30.36
C SER B 177 -51.50 -6.45 -31.61
N THR B 178 -50.95 -7.66 -31.74
CA THR B 178 -51.13 -8.48 -32.93
C THR B 178 -51.87 -9.75 -32.55
N LEU B 179 -53.08 -9.91 -33.08
CA LEU B 179 -53.85 -11.13 -32.90
C LEU B 179 -53.61 -12.03 -34.11
N THR B 180 -52.99 -13.19 -33.89
CA THR B 180 -52.62 -14.09 -34.96
C THR B 180 -53.50 -15.33 -34.90
N LEU B 181 -54.23 -15.58 -35.99
CA LEU B 181 -55.07 -16.76 -36.12
C LEU B 181 -54.70 -17.52 -37.38
N SER B 182 -55.09 -18.78 -37.42
CA SER B 182 -55.01 -19.55 -38.67
C SER B 182 -56.09 -19.07 -39.63
N LYS B 183 -55.84 -19.28 -40.92
CA LYS B 183 -56.79 -18.82 -41.95
C LYS B 183 -58.16 -19.45 -41.75
N ALA B 184 -58.20 -20.73 -41.38
CA ALA B 184 -59.48 -21.39 -41.13
C ALA B 184 -60.18 -20.81 -39.91
N ASP B 185 -59.45 -20.59 -38.82
CA ASP B 185 -60.04 -20.03 -37.62
C ASP B 185 -60.54 -18.59 -37.86
N TYR B 186 -59.77 -17.81 -38.63
CA TYR B 186 -60.14 -16.42 -38.88
C TYR B 186 -61.41 -16.33 -39.70
N GLU B 187 -61.55 -17.18 -40.72
CA GLU B 187 -62.71 -17.13 -41.60
C GLU B 187 -63.99 -17.63 -40.95
N LYS B 188 -63.92 -18.20 -39.74
CA LYS B 188 -65.09 -18.74 -39.08
C LYS B 188 -65.82 -17.70 -38.23
N HIS B 189 -65.28 -16.50 -38.08
CA HIS B 189 -65.93 -15.43 -37.34
C HIS B 189 -66.06 -14.19 -38.21
N LYS B 190 -66.87 -13.24 -37.77
CA LYS B 190 -67.12 -12.02 -38.52
C LYS B 190 -66.59 -10.76 -37.85
N VAL B 191 -66.95 -10.51 -36.60
CA VAL B 191 -66.61 -9.26 -35.92
C VAL B 191 -65.25 -9.41 -35.24
N TYR B 192 -64.31 -8.54 -35.58
CA TYR B 192 -63.01 -8.49 -34.93
C TYR B 192 -62.80 -7.10 -34.37
N ALA B 193 -62.67 -7.01 -33.04
CA ALA B 193 -62.57 -5.72 -32.35
C ALA B 193 -61.47 -5.78 -31.31
N CYS B 194 -60.72 -4.68 -31.18
CA CYS B 194 -59.80 -4.49 -30.07
C CYS B 194 -60.34 -3.39 -29.17
N GLU B 195 -60.23 -3.59 -27.87
CA GLU B 195 -60.81 -2.72 -26.86
C GLU B 195 -59.70 -2.15 -26.00
N VAL B 196 -59.68 -0.82 -25.87
CA VAL B 196 -58.58 -0.11 -25.23
C VAL B 196 -59.10 0.56 -23.96
N THR B 197 -58.46 0.28 -22.83
CA THR B 197 -58.74 0.93 -21.56
C THR B 197 -57.53 1.76 -21.18
N HIS B 198 -57.73 3.06 -20.98
CA HIS B 198 -56.64 3.99 -20.69
C HIS B 198 -57.16 5.10 -19.81
N GLN B 199 -56.26 5.66 -18.99
CA GLN B 199 -56.65 6.74 -18.09
C GLN B 199 -57.12 7.97 -18.86
N GLY B 200 -56.52 8.23 -20.02
CA GLY B 200 -56.95 9.32 -20.87
C GLY B 200 -58.33 9.15 -21.48
N LEU B 201 -58.93 7.98 -21.35
CA LEU B 201 -60.26 7.70 -21.88
C LEU B 201 -61.23 7.48 -20.72
N SER B 202 -62.36 8.19 -20.77
CA SER B 202 -63.36 8.06 -19.71
C SER B 202 -64.05 6.70 -19.75
N SER B 203 -63.98 5.99 -20.87
CA SER B 203 -64.58 4.68 -21.02
C SER B 203 -63.82 3.93 -22.10
N PRO B 204 -63.86 2.60 -22.10
CA PRO B 204 -63.10 1.84 -23.09
C PRO B 204 -63.51 2.19 -24.51
N VAL B 205 -62.53 2.14 -25.41
CA VAL B 205 -62.72 2.49 -26.82
C VAL B 205 -62.55 1.22 -27.64
N THR B 206 -63.47 0.97 -28.56
CA THR B 206 -63.48 -0.23 -29.39
C THR B 206 -63.36 0.16 -30.85
N LYS B 207 -62.39 -0.44 -31.53
CA LYS B 207 -62.26 -0.34 -32.98
C LYS B 207 -62.53 -1.72 -33.56
N SER B 208 -63.50 -1.81 -34.46
CA SER B 208 -63.96 -3.09 -34.96
C SER B 208 -64.09 -3.07 -36.48
N PHE B 209 -64.07 -4.26 -37.06
CA PHE B 209 -64.35 -4.45 -38.47
C PHE B 209 -64.98 -5.82 -38.66
N ASN B 210 -65.75 -5.96 -39.72
CA ASN B 210 -66.37 -7.24 -40.08
C ASN B 210 -65.59 -7.88 -41.22
N ARG B 211 -65.25 -9.15 -41.07
CA ARG B 211 -64.40 -9.83 -42.03
C ARG B 211 -65.06 -9.86 -43.41
N GLY B 212 -64.30 -9.47 -44.43
CA GLY B 212 -64.78 -9.49 -45.79
C GLY B 212 -65.79 -8.39 -46.10
N GLU B 213 -65.58 -7.19 -45.57
CA GLU B 213 -66.46 -6.05 -45.83
C GLU B 213 -65.60 -4.89 -46.30
N CYS B 214 -65.68 -4.58 -47.59
CA CYS B 214 -64.91 -3.49 -48.21
C CYS B 214 -63.42 -3.65 -47.96
N GLN C 1 21.31 12.40 20.50
CA GLN C 1 21.13 10.97 20.31
C GLN C 1 19.82 10.49 20.91
N VAL C 2 19.27 9.43 20.34
CA VAL C 2 18.07 8.80 20.90
C VAL C 2 18.49 7.89 22.03
N GLN C 3 17.86 8.06 23.19
CA GLN C 3 18.27 7.34 24.40
C GLN C 3 17.04 6.90 25.18
N LEU C 4 17.06 5.65 25.62
CA LEU C 4 15.99 5.06 26.41
C LEU C 4 16.56 4.56 27.72
N GLN C 5 15.77 4.67 28.79
CA GLN C 5 16.25 4.32 30.12
C GLN C 5 15.10 3.80 30.96
N GLU C 6 15.19 2.53 31.34
CA GLU C 6 14.21 1.93 32.24
C GLU C 6 14.56 2.24 33.69
N SER C 7 13.53 2.23 34.54
CA SER C 7 13.70 2.48 35.95
C SER C 7 12.58 1.81 36.72
N GLY C 8 12.85 1.50 37.98
CA GLY C 8 11.89 0.83 38.83
C GLY C 8 12.53 -0.16 39.76
N PRO C 9 11.76 -0.69 40.72
CA PRO C 9 12.31 -1.64 41.68
C PRO C 9 12.77 -2.92 41.01
N GLY C 10 13.92 -3.42 41.46
CA GLY C 10 14.46 -4.66 40.97
C GLY C 10 14.13 -5.89 41.80
N LEU C 11 13.30 -5.74 42.83
CA LEU C 11 12.86 -6.86 43.65
C LEU C 11 11.36 -6.77 43.82
N VAL C 12 10.65 -7.83 43.43
CA VAL C 12 9.20 -7.92 43.56
C VAL C 12 8.86 -9.23 44.25
N LYS C 13 8.08 -9.15 45.32
CA LYS C 13 7.64 -10.35 46.00
C LYS C 13 6.69 -11.13 45.09
N PRO C 14 6.66 -12.46 45.20
CA PRO C 14 5.76 -13.25 44.36
C PRO C 14 4.31 -12.84 44.59
N SER C 15 3.49 -13.03 43.55
CA SER C 15 2.09 -12.61 43.48
C SER C 15 1.97 -11.09 43.42
N GLY C 16 3.08 -10.36 43.43
CA GLY C 16 3.07 -8.92 43.38
C GLY C 16 2.93 -8.40 41.96
N THR C 17 3.06 -7.08 41.84
CA THR C 17 2.92 -6.39 40.56
C THR C 17 4.23 -5.74 40.19
N LEU C 18 4.78 -6.12 39.03
CA LEU C 18 5.97 -5.47 38.50
C LEU C 18 5.58 -4.14 37.88
N SER C 19 6.42 -3.12 38.11
CA SER C 19 6.17 -1.78 37.58
C SER C 19 7.49 -1.19 37.14
N LEU C 20 7.58 -0.79 35.87
CA LEU C 20 8.77 -0.14 35.34
C LEU C 20 8.35 1.05 34.50
N THR C 21 9.26 2.02 34.37
CA THR C 21 9.02 3.24 33.62
C THR C 21 10.18 3.45 32.66
N CYS C 22 9.87 3.76 31.40
CA CYS C 22 10.88 4.05 30.40
C CYS C 22 10.89 5.55 30.14
N THR C 23 12.03 6.18 30.40
CA THR C 23 12.24 7.60 30.12
C THR C 23 12.96 7.73 28.78
N VAL C 24 12.39 8.53 27.89
CA VAL C 24 12.90 8.69 26.53
C VAL C 24 13.41 10.12 26.37
N SER C 25 14.62 10.25 25.82
CA SER C 25 15.19 11.54 25.45
C SER C 25 15.75 11.44 24.04
N GLY C 26 15.86 12.59 23.38
CA GLY C 26 16.27 12.63 22.00
C GLY C 26 15.20 12.24 21.01
N ALA C 27 14.01 11.89 21.47
CA ALA C 27 12.91 11.50 20.62
C ALA C 27 11.60 11.77 21.37
N SER C 28 10.50 11.76 20.63
CA SER C 28 9.18 12.02 21.19
C SER C 28 8.26 10.86 20.85
N ILE C 29 7.75 10.18 21.88
CA ILE C 29 6.83 9.07 21.67
C ILE C 29 5.50 9.54 21.09
N SER C 30 5.15 10.81 21.27
CA SER C 30 3.91 11.34 20.73
C SER C 30 4.00 11.63 19.23
N VAL C 31 5.20 11.79 18.70
CA VAL C 31 5.35 12.16 17.30
C VAL C 31 5.24 10.94 16.40
N GLY C 32 5.91 9.85 16.75
CA GLY C 32 5.89 8.68 15.90
C GLY C 32 6.56 7.49 16.55
N ASN C 33 6.78 6.46 15.74
CA ASN C 33 7.44 5.21 16.12
C ASN C 33 6.61 4.37 17.08
N TRP C 34 6.82 3.07 17.05
CA TRP C 34 6.25 2.16 18.04
C TRP C 34 7.22 1.96 19.18
N TRP C 35 6.69 1.78 20.38
CA TRP C 35 7.50 1.65 21.58
C TRP C 35 7.06 0.40 22.33
N SER C 36 8.04 -0.41 22.74
CA SER C 36 7.79 -1.77 23.18
C SER C 36 8.51 -2.06 24.48
N TRP C 37 8.11 -3.15 25.12
CA TRP C 37 8.79 -3.72 26.26
C TRP C 37 9.24 -5.13 25.89
N VAL C 38 10.51 -5.44 26.14
CA VAL C 38 11.08 -6.74 25.79
C VAL C 38 11.72 -7.34 27.03
N ARG C 39 11.73 -8.67 27.08
CA ARG C 39 12.04 -9.42 28.28
C ARG C 39 13.09 -10.48 27.99
N GLN C 40 14.07 -10.62 28.89
CA GLN C 40 15.09 -11.65 28.73
C GLN C 40 15.48 -12.25 30.07
N PRO C 41 15.07 -13.48 30.37
CA PRO C 41 15.49 -14.12 31.62
C PRO C 41 16.98 -14.39 31.62
N PRO C 42 17.59 -14.52 32.80
CA PRO C 42 19.04 -14.81 32.86
C PRO C 42 19.39 -16.10 32.15
N GLY C 43 20.19 -15.99 31.10
CA GLY C 43 20.65 -17.14 30.35
C GLY C 43 19.77 -17.54 29.18
N LYS C 44 18.53 -17.08 29.13
CA LYS C 44 17.58 -17.49 28.12
C LYS C 44 17.46 -16.43 27.03
N GLY C 45 16.54 -16.64 26.10
CA GLY C 45 16.37 -15.75 24.97
C GLY C 45 15.48 -14.57 25.30
N LEU C 46 14.92 -13.96 24.26
CA LEU C 46 14.16 -12.73 24.37
C LEU C 46 12.68 -12.99 24.10
N GLU C 47 11.83 -12.25 24.81
CA GLU C 47 10.37 -12.37 24.67
C GLU C 47 9.78 -10.98 24.62
N TRP C 48 9.11 -10.65 23.50
CA TRP C 48 8.43 -9.37 23.39
C TRP C 48 7.17 -9.37 24.24
N ILE C 49 6.90 -8.23 24.88
CA ILE C 49 5.82 -8.11 25.85
C ILE C 49 4.63 -7.36 25.26
N GLY C 50 4.85 -6.12 24.83
CA GLY C 50 3.76 -5.28 24.35
C GLY C 50 4.31 -4.10 23.60
N GLU C 51 3.39 -3.38 22.96
CA GLU C 51 3.76 -2.21 22.16
C GLU C 51 2.59 -1.24 22.13
N PHE C 52 2.89 0.01 21.75
CA PHE C 52 1.86 1.02 21.58
C PHE C 52 2.30 2.02 20.52
N TYR C 53 1.31 2.72 19.97
CA TYR C 53 1.51 3.83 19.06
C TYR C 53 0.74 5.03 19.59
N HIS C 54 1.24 6.23 19.29
CA HIS C 54 0.61 7.44 19.83
C HIS C 54 -0.84 7.59 19.38
N SER C 55 -1.25 6.89 18.32
CA SER C 55 -2.65 6.88 17.94
C SER C 55 -3.53 6.21 18.98
N GLY C 56 -2.96 5.41 19.87
CA GLY C 56 -3.71 4.71 20.91
C GLY C 56 -3.65 3.20 20.80
N LYS C 57 -3.38 2.64 19.62
CA LYS C 57 -3.38 1.20 19.44
C LYS C 57 -2.29 0.56 20.30
N THR C 58 -2.68 -0.51 21.00
CA THR C 58 -1.78 -1.20 21.93
C THR C 58 -1.94 -2.70 21.75
N ASN C 59 -0.83 -3.40 21.53
CA ASN C 59 -0.82 -4.85 21.37
C ASN C 59 0.00 -5.47 22.50
N TYR C 60 -0.46 -6.63 22.98
CA TYR C 60 0.21 -7.37 24.03
C TYR C 60 0.53 -8.78 23.55
N ASN C 61 1.57 -9.36 24.14
CA ASN C 61 1.88 -10.77 23.90
C ASN C 61 0.72 -11.62 24.37
N PRO C 62 0.16 -12.48 23.51
CA PRO C 62 -0.98 -13.31 23.95
C PRO C 62 -0.68 -14.18 25.15
N SER C 63 0.58 -14.57 25.36
CA SER C 63 0.93 -15.36 26.54
C SER C 63 0.92 -14.52 27.82
N LEU C 64 0.94 -13.20 27.71
CA LEU C 64 0.94 -12.31 28.86
C LEU C 64 -0.33 -11.49 29.00
N LYS C 65 -1.17 -11.44 27.97
CA LYS C 65 -2.26 -10.48 27.81
C LYS C 65 -3.09 -10.29 29.08
N SER C 66 -3.30 -11.38 29.84
CA SER C 66 -4.18 -11.31 31.00
C SER C 66 -3.58 -10.52 32.16
N ARG C 67 -2.25 -10.38 32.22
CA ARG C 67 -1.61 -9.76 33.38
C ARG C 67 -0.73 -8.56 33.03
N VAL C 68 -0.74 -8.10 31.78
CA VAL C 68 0.17 -7.04 31.34
C VAL C 68 -0.64 -5.79 31.02
N THR C 69 -0.05 -4.63 31.31
CA THR C 69 -0.67 -3.36 31.01
C THR C 69 0.43 -2.34 30.72
N ILE C 70 0.25 -1.56 29.65
CA ILE C 70 1.19 -0.52 29.27
C ILE C 70 0.48 0.83 29.35
N SER C 71 1.06 1.77 30.07
CA SER C 71 0.52 3.11 30.20
C SER C 71 1.48 4.11 29.56
N VAL C 72 0.92 5.21 29.06
CA VAL C 72 1.69 6.22 28.35
C VAL C 72 1.38 7.58 28.96
N ASP C 73 2.42 8.38 29.19
CA ASP C 73 2.30 9.75 29.66
C ASP C 73 3.01 10.64 28.64
N LYS C 74 2.25 11.11 27.65
CA LYS C 74 2.83 11.94 26.60
C LYS C 74 3.37 13.27 27.12
N SER C 75 2.75 13.80 28.17
CA SER C 75 3.22 15.07 28.73
C SER C 75 4.60 14.91 29.37
N LYS C 76 4.89 13.74 29.92
CA LYS C 76 6.19 13.45 30.51
C LYS C 76 7.13 12.72 29.55
N ASN C 77 6.67 12.39 28.35
CA ASN C 77 7.45 11.65 27.37
C ASN C 77 7.96 10.33 27.95
N GLN C 78 7.15 9.70 28.80
CA GLN C 78 7.47 8.41 29.37
C GLN C 78 6.33 7.44 29.10
N PHE C 79 6.63 6.15 29.21
CA PHE C 79 5.62 5.11 29.21
C PHE C 79 6.04 4.02 30.19
N SER C 80 5.07 3.24 30.64
CA SER C 80 5.27 2.34 31.76
C SER C 80 4.80 0.93 31.41
N LEU C 81 5.12 0.00 32.30
CA LEU C 81 4.74 -1.40 32.15
C LEU C 81 4.28 -1.94 33.50
N LYS C 82 3.22 -2.73 33.49
CA LYS C 82 2.66 -3.31 34.70
C LYS C 82 2.42 -4.80 34.47
N LEU C 83 3.09 -5.64 35.26
CA LEU C 83 2.91 -7.08 35.23
C LEU C 83 2.42 -7.54 36.59
N SER C 84 1.25 -8.17 36.62
CA SER C 84 0.62 -8.59 37.87
C SER C 84 0.68 -10.10 38.01
N SER C 85 0.47 -10.56 39.25
CA SER C 85 0.51 -11.98 39.59
C SER C 85 1.82 -12.62 39.13
N VAL C 86 2.93 -12.01 39.53
CA VAL C 86 4.24 -12.41 39.03
C VAL C 86 4.72 -13.67 39.74
N THR C 87 5.49 -14.47 39.03
CA THR C 87 6.14 -15.67 39.56
C THR C 87 7.62 -15.63 39.20
N ALA C 88 8.34 -16.67 39.61
CA ALA C 88 9.76 -16.76 39.28
C ALA C 88 10.00 -16.75 37.78
N ALA C 89 9.04 -17.21 36.99
CA ALA C 89 9.15 -17.19 35.54
C ALA C 89 9.16 -15.77 34.97
N ASP C 90 8.91 -14.76 35.80
CA ASP C 90 8.93 -13.37 35.36
C ASP C 90 10.24 -12.66 35.70
N THR C 91 11.13 -13.31 36.46
CA THR C 91 12.45 -12.74 36.72
C THR C 91 13.23 -12.66 35.41
N ALA C 92 13.67 -11.44 35.06
CA ALA C 92 14.34 -11.23 33.78
C ALA C 92 14.90 -9.82 33.77
N VAL C 93 15.77 -9.57 32.79
CA VAL C 93 16.15 -8.21 32.43
C VAL C 93 15.09 -7.64 31.50
N TYR C 94 14.59 -6.46 31.82
CA TYR C 94 13.50 -5.85 31.08
C TYR C 94 14.01 -4.66 30.29
N TYR C 95 13.72 -4.66 28.99
CA TYR C 95 14.13 -3.60 28.08
C TYR C 95 12.90 -2.85 27.57
N CYS C 96 13.04 -1.54 27.42
CA CYS C 96 12.11 -0.77 26.61
C CYS C 96 12.82 -0.39 25.32
N ALA C 97 12.15 -0.58 24.19
CA ALA C 97 12.78 -0.43 22.89
C ALA C 97 11.87 0.37 21.95
N ARG C 98 12.50 0.97 20.95
CA ARG C 98 11.80 1.70 19.90
C ARG C 98 11.82 0.90 18.61
N SER C 99 10.74 1.00 17.85
CA SER C 99 10.62 0.37 16.54
C SER C 99 10.61 1.44 15.46
N ASP C 100 11.13 1.09 14.28
CA ASP C 100 11.30 2.07 13.23
C ASP C 100 11.27 1.38 11.87
N LEU C 101 10.86 2.13 10.85
CA LEU C 101 10.75 1.59 9.50
C LEU C 101 12.10 1.51 8.78
N LEU C 102 13.11 2.21 9.27
CA LEU C 102 14.46 2.22 8.69
C LEU C 102 14.34 2.67 7.24
N THR C 103 14.91 1.95 6.26
CA THR C 103 14.83 2.34 4.86
C THR C 103 13.69 1.67 4.11
N GLY C 104 12.79 0.98 4.82
CA GLY C 104 11.66 0.33 4.20
C GLY C 104 10.36 1.07 4.44
N TYR C 105 9.25 0.36 4.17
CA TYR C 105 7.93 0.90 4.46
C TYR C 105 7.06 -0.04 5.30
N PHE C 106 7.50 -1.26 5.55
CA PHE C 106 6.88 -2.20 6.49
C PHE C 106 7.85 -3.36 6.67
N PRO C 107 7.96 -3.96 7.87
CA PRO C 107 7.39 -3.59 9.17
C PRO C 107 8.36 -2.75 9.98
N TYR C 108 8.08 -2.54 11.26
CA TYR C 108 8.96 -1.77 12.12
C TYR C 108 10.01 -2.67 12.74
N TYR C 109 11.25 -2.18 12.81
CA TYR C 109 12.37 -2.94 13.34
C TYR C 109 12.89 -2.27 14.60
N PHE C 110 13.23 -3.09 15.60
CA PHE C 110 13.73 -2.59 16.87
C PHE C 110 15.15 -2.08 16.69
N ASP C 111 15.32 -0.76 16.71
CA ASP C 111 16.60 -0.13 16.41
C ASP C 111 17.20 0.65 17.58
N TYR C 112 16.44 0.95 18.62
CA TYR C 112 16.96 1.61 19.81
C TYR C 112 16.45 0.88 21.04
N TRP C 113 17.35 0.62 21.98
CA TRP C 113 17.02 -0.08 23.21
C TRP C 113 17.53 0.71 24.41
N GLY C 114 16.88 0.50 25.55
CA GLY C 114 17.42 0.97 26.81
C GLY C 114 18.54 0.08 27.29
N GLN C 115 19.15 0.47 28.42
CA GLN C 115 20.21 -0.35 29.00
C GLN C 115 19.66 -1.63 29.61
N GLY C 116 18.38 -1.66 29.95
CA GLY C 116 17.79 -2.83 30.59
C GLY C 116 17.90 -2.78 32.10
N THR C 117 16.84 -3.18 32.80
CA THR C 117 16.85 -3.30 34.24
C THR C 117 16.48 -4.72 34.63
N LEU C 118 17.09 -5.21 35.70
CA LEU C 118 16.87 -6.57 36.18
C LEU C 118 15.87 -6.56 37.35
N VAL C 119 14.80 -7.33 37.21
CA VAL C 119 13.81 -7.50 38.27
C VAL C 119 13.82 -8.96 38.70
N THR C 120 13.97 -9.19 39.99
CA THR C 120 13.96 -10.53 40.57
C THR C 120 12.66 -10.73 41.33
N VAL C 121 12.01 -11.87 41.10
CA VAL C 121 10.79 -12.24 41.80
C VAL C 121 11.16 -13.24 42.88
N SER C 122 11.09 -12.81 44.13
CA SER C 122 11.48 -13.64 45.26
C SER C 122 10.92 -13.06 46.55
N SER C 123 10.70 -13.94 47.52
CA SER C 123 10.22 -13.54 48.84
C SER C 123 11.35 -13.11 49.77
N ALA C 124 12.60 -13.28 49.36
CA ALA C 124 13.73 -12.93 50.21
C ALA C 124 13.82 -11.42 50.39
N SER C 125 14.48 -11.01 51.47
CA SER C 125 14.65 -9.61 51.81
C SER C 125 15.94 -9.06 51.22
N THR C 126 15.97 -7.74 51.03
CA THR C 126 17.15 -7.08 50.52
C THR C 126 18.28 -7.13 51.55
N LYS C 127 19.50 -7.30 51.08
CA LYS C 127 20.66 -7.41 51.96
C LYS C 127 21.88 -6.83 51.25
N GLY C 128 22.54 -5.87 51.89
CA GLY C 128 23.73 -5.28 51.35
C GLY C 128 24.93 -6.19 51.48
N PRO C 129 25.97 -5.93 50.69
CA PRO C 129 27.13 -6.83 50.68
C PRO C 129 28.20 -6.42 51.68
N SER C 130 29.04 -7.40 52.02
CA SER C 130 30.27 -7.15 52.76
C SER C 130 31.43 -7.16 51.79
N VAL C 131 32.32 -6.19 51.91
CA VAL C 131 33.46 -6.02 51.02
C VAL C 131 34.72 -6.38 51.80
N PHE C 132 35.58 -7.20 51.17
CA PHE C 132 36.84 -7.61 51.77
C PHE C 132 37.95 -7.49 50.74
N PRO C 133 39.17 -7.20 51.19
CA PRO C 133 40.27 -7.04 50.24
C PRO C 133 40.93 -8.36 49.87
N LEU C 134 41.24 -8.50 48.58
CA LEU C 134 42.10 -9.58 48.10
C LEU C 134 43.50 -8.99 48.04
N ALA C 135 44.23 -9.09 49.15
CA ALA C 135 45.52 -8.42 49.27
C ALA C 135 46.53 -9.05 48.30
N PRO C 136 47.41 -8.24 47.71
CA PRO C 136 48.42 -8.81 46.81
C PRO C 136 49.57 -9.42 47.61
N SER C 137 49.94 -10.64 47.26
CA SER C 137 51.01 -11.33 47.96
C SER C 137 52.34 -10.63 47.71
N SER C 138 53.14 -10.52 48.78
CA SER C 138 54.44 -9.85 48.70
C SER C 138 55.49 -10.78 48.07
N LYS C 139 55.24 -11.13 46.81
CA LYS C 139 56.14 -12.00 46.05
C LYS C 139 56.41 -11.41 44.68
N GLY C 144 57.50 -7.10 36.80
CA GLY C 144 56.61 -8.00 37.53
C GLY C 144 55.18 -7.51 37.60
N THR C 145 54.24 -8.44 37.49
CA THR C 145 52.82 -8.12 37.55
C THR C 145 52.23 -8.69 38.84
N ALA C 146 51.49 -7.86 39.56
CA ALA C 146 50.80 -8.27 40.77
C ALA C 146 49.29 -8.17 40.57
N ALA C 147 48.56 -8.94 41.37
CA ALA C 147 47.10 -8.99 41.29
C ALA C 147 46.50 -8.66 42.65
N LEU C 148 45.51 -7.77 42.65
CA LEU C 148 44.74 -7.46 43.85
C LEU C 148 43.27 -7.37 43.47
N GLY C 149 42.40 -7.48 44.47
CA GLY C 149 40.99 -7.46 44.17
C GLY C 149 40.12 -7.17 45.38
N CYS C 150 38.82 -7.42 45.20
CA CYS C 150 37.81 -7.17 46.21
C CYS C 150 36.81 -8.32 46.21
N LEU C 151 36.43 -8.78 47.39
CA LEU C 151 35.43 -9.84 47.54
C LEU C 151 34.11 -9.23 48.00
N VAL C 152 33.07 -9.39 47.18
CA VAL C 152 31.75 -8.86 47.46
C VAL C 152 30.85 -10.03 47.84
N LYS C 153 30.52 -10.11 49.13
CA LYS C 153 29.94 -11.31 49.72
C LYS C 153 28.56 -11.03 50.30
N ASP C 154 27.68 -12.03 50.20
CA ASP C 154 26.43 -12.09 50.96
C ASP C 154 25.52 -10.88 50.71
N TYR C 155 25.10 -10.73 49.46
CA TYR C 155 24.16 -9.67 49.10
C TYR C 155 23.03 -10.23 48.25
N PHE C 156 21.88 -9.55 48.32
CA PHE C 156 20.68 -9.92 47.59
C PHE C 156 19.83 -8.68 47.40
N PRO C 157 19.25 -8.45 46.22
CA PRO C 157 19.38 -9.26 45.00
C PRO C 157 20.45 -8.72 44.08
N GLU C 158 20.57 -9.29 42.89
CA GLU C 158 21.41 -8.71 41.86
C GLU C 158 20.83 -7.35 41.43
N PRO C 159 21.65 -6.48 40.83
CA PRO C 159 23.09 -6.62 40.60
C PRO C 159 23.94 -5.73 41.51
N VAL C 160 25.25 -5.96 41.51
CA VAL C 160 26.20 -5.07 42.17
C VAL C 160 27.12 -4.51 41.11
N THR C 161 27.57 -3.28 41.32
CA THR C 161 28.50 -2.62 40.41
C THR C 161 29.81 -2.34 41.13
N VAL C 162 30.91 -2.57 40.44
CA VAL C 162 32.24 -2.41 41.02
C VAL C 162 33.08 -1.53 40.09
N SER C 163 33.73 -0.53 40.67
CA SER C 163 34.70 0.29 39.96
C SER C 163 35.97 0.39 40.81
N TRP C 164 37.04 0.87 40.20
CA TRP C 164 38.35 0.94 40.85
C TRP C 164 38.87 2.37 40.78
N ASN C 165 39.19 2.93 41.95
CA ASN C 165 39.69 4.30 42.06
C ASN C 165 38.72 5.29 41.42
N SER C 166 37.42 5.09 41.68
CA SER C 166 36.35 5.95 41.18
C SER C 166 36.37 6.06 39.66
N GLY C 167 36.78 4.99 38.97
CA GLY C 167 36.76 4.95 37.53
C GLY C 167 38.09 5.23 36.87
N ALA C 168 39.07 5.73 37.60
CA ALA C 168 40.37 6.03 37.01
C ALA C 168 41.18 4.78 36.66
N LEU C 169 40.70 3.59 37.05
CA LEU C 169 41.37 2.34 36.75
C LEU C 169 40.40 1.43 36.01
N THR C 170 40.63 1.27 34.70
CA THR C 170 39.81 0.40 33.87
C THR C 170 40.57 -0.74 33.24
N SER C 171 41.79 -0.49 32.75
CA SER C 171 42.56 -1.53 32.08
C SER C 171 43.05 -2.57 33.08
N GLY C 172 42.80 -3.84 32.76
CA GLY C 172 43.26 -4.92 33.61
C GLY C 172 42.27 -5.40 34.64
N VAL C 173 41.06 -4.88 34.64
CA VAL C 173 40.06 -5.21 35.66
C VAL C 173 39.18 -6.34 35.15
N HIS C 174 38.90 -7.30 36.03
CA HIS C 174 37.93 -8.36 35.75
C HIS C 174 36.96 -8.43 36.93
N THR C 175 35.71 -8.07 36.70
CA THR C 175 34.63 -8.28 37.67
C THR C 175 33.89 -9.54 37.27
N PHE C 176 34.03 -10.60 38.07
CA PHE C 176 33.46 -11.89 37.71
C PHE C 176 31.94 -11.86 37.87
N PRO C 177 31.23 -12.68 37.10
CA PRO C 177 29.79 -12.81 37.31
C PRO C 177 29.47 -13.30 38.71
N ALA C 178 28.36 -12.84 39.25
CA ALA C 178 27.96 -13.23 40.59
C ALA C 178 27.65 -14.73 40.65
N VAL C 179 27.80 -15.29 41.85
CA VAL C 179 27.54 -16.70 42.10
C VAL C 179 26.52 -16.81 43.23
N LEU C 180 25.53 -17.67 43.05
CA LEU C 180 24.49 -17.88 44.05
C LEU C 180 24.95 -18.97 45.01
N GLN C 181 25.28 -18.59 46.24
CA GLN C 181 25.67 -19.55 47.24
C GLN C 181 24.42 -20.23 47.83
N SER C 182 24.65 -21.37 48.48
CA SER C 182 23.54 -22.15 49.01
C SER C 182 22.74 -21.39 50.07
N SER C 183 23.31 -20.33 50.65
CA SER C 183 22.58 -19.51 51.60
C SER C 183 21.52 -18.63 50.94
N GLY C 184 21.37 -18.69 49.63
CA GLY C 184 20.46 -17.83 48.91
C GLY C 184 21.01 -16.46 48.58
N LEU C 185 22.19 -16.12 49.08
CA LEU C 185 22.82 -14.84 48.83
C LEU C 185 23.87 -14.96 47.73
N TYR C 186 24.17 -13.83 47.09
CA TYR C 186 25.10 -13.79 45.98
C TYR C 186 26.50 -13.42 46.48
N SER C 187 27.50 -13.84 45.71
CA SER C 187 28.89 -13.54 46.00
C SER C 187 29.61 -13.24 44.70
N LEU C 188 30.66 -12.44 44.79
CA LEU C 188 31.32 -11.92 43.60
C LEU C 188 32.70 -11.41 43.96
N SER C 189 33.62 -11.50 43.01
CA SER C 189 34.95 -10.95 43.17
C SER C 189 35.30 -10.09 41.96
N SER C 190 36.08 -9.03 42.21
CA SER C 190 36.57 -8.14 41.16
C SER C 190 38.06 -7.96 41.37
N VAL C 191 38.85 -8.25 40.33
CA VAL C 191 40.30 -8.28 40.42
C VAL C 191 40.90 -7.34 39.37
N VAL C 192 42.15 -6.96 39.59
CA VAL C 192 42.89 -6.13 38.66
C VAL C 192 44.37 -6.46 38.78
N THR C 193 45.06 -6.48 37.64
CA THR C 193 46.50 -6.71 37.60
C THR C 193 47.21 -5.38 37.46
N VAL C 194 48.25 -5.17 38.28
CA VAL C 194 48.97 -3.90 38.31
C VAL C 194 50.46 -4.20 38.32
N PRO C 195 51.28 -3.20 37.97
CA PRO C 195 52.73 -3.40 38.08
C PRO C 195 53.15 -3.61 39.53
N SER C 196 54.06 -4.57 39.73
CA SER C 196 54.54 -4.87 41.08
C SER C 196 55.27 -3.67 41.69
N SER C 197 55.85 -2.81 40.86
CA SER C 197 56.58 -1.65 41.35
C SER C 197 55.65 -0.55 41.85
N SER C 198 54.35 -0.67 41.62
CA SER C 198 53.39 0.34 42.05
C SER C 198 52.88 0.11 43.46
N LEU C 199 52.93 -1.12 43.96
CA LEU C 199 52.44 -1.37 45.32
C LEU C 199 53.26 -0.57 46.33
N GLY C 200 52.58 -0.16 47.40
CA GLY C 200 53.18 0.66 48.43
C GLY C 200 53.45 2.09 48.02
N THR C 201 53.15 2.47 46.78
CA THR C 201 53.23 3.84 46.31
C THR C 201 51.88 4.38 45.88
N GLN C 202 51.13 3.61 45.08
CA GLN C 202 49.85 4.02 44.54
C GLN C 202 48.72 3.39 45.33
N THR C 203 47.65 4.15 45.55
CA THR C 203 46.49 3.67 46.29
C THR C 203 45.52 2.96 45.36
N TYR C 204 44.91 1.89 45.86
CA TYR C 204 43.96 1.08 45.10
C TYR C 204 42.69 0.91 45.92
N ILE C 205 41.58 1.47 45.43
CA ILE C 205 40.30 1.42 46.12
C ILE C 205 39.25 0.91 45.14
N CYS C 206 38.56 -0.15 45.53
CA CYS C 206 37.40 -0.62 44.78
C CYS C 206 36.13 -0.01 45.34
N ASN C 207 35.24 0.43 44.45
CA ASN C 207 34.00 1.09 44.81
C ASN C 207 32.85 0.14 44.52
N VAL C 208 32.11 -0.22 45.57
CA VAL C 208 31.03 -1.21 45.47
C VAL C 208 29.70 -0.50 45.66
N ASN C 209 28.78 -0.69 44.72
CA ASN C 209 27.47 -0.06 44.74
C ASN C 209 26.39 -1.12 44.65
N HIS C 210 25.47 -1.13 45.61
CA HIS C 210 24.33 -2.06 45.63
C HIS C 210 23.08 -1.21 45.83
N LYS C 211 22.49 -0.76 44.73
CA LYS C 211 21.33 0.11 44.80
C LYS C 211 20.13 -0.49 45.53
N PRO C 212 19.82 -1.79 45.41
CA PRO C 212 18.68 -2.34 46.17
C PRO C 212 18.71 -2.03 47.66
N SER C 213 19.88 -1.82 48.26
CA SER C 213 20.00 -1.54 49.68
C SER C 213 20.67 -0.20 49.96
N ASN C 214 20.90 0.62 48.94
CA ASN C 214 21.55 1.92 49.09
C ASN C 214 22.88 1.78 49.82
N THR C 215 23.74 0.90 49.29
CA THR C 215 25.01 0.56 49.91
C THR C 215 26.15 1.08 49.04
N LYS C 216 26.86 2.09 49.52
CA LYS C 216 28.08 2.59 48.89
C LYS C 216 29.24 2.27 49.83
N VAL C 217 30.20 1.47 49.35
CA VAL C 217 31.32 1.03 50.16
C VAL C 217 32.60 1.21 49.35
N ASP C 218 33.59 1.86 49.93
CA ASP C 218 34.93 1.95 49.38
C ASP C 218 35.88 1.19 50.27
N LYS C 219 36.76 0.38 49.68
CA LYS C 219 37.68 -0.46 50.43
C LYS C 219 39.09 -0.25 49.92
N ARG C 220 39.99 0.18 50.81
CA ARG C 220 41.41 0.25 50.48
C ARG C 220 42.00 -1.15 50.43
N VAL C 221 42.67 -1.47 49.32
CA VAL C 221 43.37 -2.74 49.17
C VAL C 221 44.85 -2.47 49.17
N GLU C 222 45.56 -3.03 50.13
CA GLU C 222 46.99 -2.82 50.31
C GLU C 222 47.64 -4.14 50.72
N PRO C 223 48.95 -4.27 50.52
CA PRO C 223 49.64 -5.48 50.98
C PRO C 223 49.60 -5.60 52.50
N LYS C 224 49.36 -6.82 52.98
CA LYS C 224 49.27 -7.06 54.41
C LYS C 224 50.65 -6.97 55.07
N SER C 225 50.66 -6.43 56.28
CA SER C 225 51.91 -6.31 57.03
C SER C 225 51.90 -7.27 58.23
N ASP D 1 2.13 -18.84 17.23
CA ASP D 1 1.70 -19.09 15.86
C ASP D 1 2.85 -19.61 15.00
N ILE D 2 3.92 -18.81 14.90
CA ILE D 2 5.08 -19.15 14.11
C ILE D 2 6.28 -19.28 15.04
N GLN D 3 7.00 -20.39 14.94
CA GLN D 3 8.20 -20.64 15.72
C GLN D 3 9.44 -20.48 14.84
N LEU D 4 10.52 -20.00 15.45
CA LEU D 4 11.80 -19.82 14.79
C LEU D 4 12.82 -20.79 15.39
N THR D 5 13.44 -21.60 14.54
CA THR D 5 14.45 -22.55 14.97
C THR D 5 15.81 -22.09 14.44
N GLN D 6 16.73 -21.81 15.37
CA GLN D 6 18.06 -21.32 15.05
C GLN D 6 19.08 -22.43 15.21
N SER D 7 19.99 -22.56 14.24
CA SER D 7 21.02 -23.58 14.27
C SER D 7 22.34 -22.99 13.79
N PRO D 8 23.46 -23.32 14.43
CA PRO D 8 23.59 -24.18 15.62
C PRO D 8 23.39 -23.38 16.92
N SER D 9 23.34 -24.06 18.07
CA SER D 9 23.22 -23.35 19.33
C SER D 9 24.56 -22.78 19.79
N PHE D 10 25.65 -23.48 19.52
CA PHE D 10 26.99 -23.03 19.88
C PHE D 10 27.90 -23.09 18.66
N LEU D 11 28.79 -22.11 18.55
CA LEU D 11 29.71 -22.01 17.41
C LEU D 11 31.05 -21.51 17.90
N SER D 12 32.12 -22.12 17.38
CA SER D 12 33.48 -21.73 17.74
C SER D 12 34.33 -21.76 16.48
N ALA D 13 34.86 -20.61 16.08
CA ALA D 13 35.68 -20.50 14.88
C ALA D 13 36.81 -19.51 15.12
N SER D 14 37.77 -19.52 14.21
CA SER D 14 38.98 -18.72 14.32
C SER D 14 38.81 -17.36 13.65
N VAL D 15 39.75 -16.46 13.94
CA VAL D 15 39.76 -15.15 13.30
C VAL D 15 40.05 -15.31 11.82
N GLY D 16 39.23 -14.68 10.98
CA GLY D 16 39.31 -14.84 9.55
C GLY D 16 38.42 -15.91 8.98
N ASP D 17 37.88 -16.79 9.82
CA ASP D 17 36.99 -17.85 9.37
C ASP D 17 35.68 -17.28 8.83
N ARG D 18 34.97 -18.11 8.08
CA ARG D 18 33.62 -17.81 7.63
C ARG D 18 32.65 -18.71 8.39
N VAL D 19 31.56 -18.14 8.88
CA VAL D 19 30.60 -18.88 9.68
C VAL D 19 29.19 -18.61 9.17
N THR D 20 28.30 -19.57 9.38
CA THR D 20 26.92 -19.50 8.91
C THR D 20 25.98 -19.86 10.06
N ILE D 21 24.90 -19.09 10.17
CA ILE D 21 23.85 -19.36 11.16
C ILE D 21 22.52 -19.40 10.41
N THR D 22 21.75 -20.45 10.67
CA THR D 22 20.49 -20.70 9.96
C THR D 22 19.30 -20.44 10.87
N CYS D 23 18.29 -19.77 10.35
CA CYS D 23 17.03 -19.54 11.04
C CYS D 23 15.90 -20.10 10.18
N ARG D 24 15.09 -20.99 10.76
CA ARG D 24 14.00 -21.65 10.04
C ARG D 24 12.67 -21.26 10.67
N ALA D 25 11.73 -20.85 9.83
CA ALA D 25 10.39 -20.45 10.26
C ALA D 25 9.39 -21.56 9.97
N SER D 26 8.40 -21.71 10.86
CA SER D 26 7.42 -22.77 10.70
C SER D 26 6.53 -22.54 9.47
N GLN D 27 6.35 -21.29 9.07
CA GLN D 27 5.66 -20.96 7.82
C GLN D 27 6.28 -19.70 7.24
N GLY D 28 5.80 -19.31 6.07
CA GLY D 28 6.42 -18.20 5.37
C GLY D 28 6.25 -16.89 6.14
N ILE D 29 7.33 -16.10 6.15
CA ILE D 29 7.31 -14.77 6.77
C ILE D 29 7.86 -13.77 5.77
N SER D 30 7.94 -14.17 4.51
CA SER D 30 8.45 -13.34 3.41
C SER D 30 9.89 -12.96 3.75
N SER D 31 10.28 -11.69 3.67
CA SER D 31 11.62 -11.25 4.05
C SER D 31 11.61 -10.47 5.35
N TYR D 32 10.56 -10.60 6.15
CA TYR D 32 10.42 -9.83 7.39
C TYR D 32 11.20 -10.52 8.52
N LEU D 33 12.52 -10.51 8.37
CA LEU D 33 13.40 -11.12 9.35
C LEU D 33 14.54 -10.17 9.68
N ALA D 34 15.03 -10.26 10.93
CA ALA D 34 16.12 -9.43 11.41
C ALA D 34 17.11 -10.29 12.17
N TRP D 35 18.37 -9.85 12.17
CA TRP D 35 19.44 -10.50 12.91
C TRP D 35 20.02 -9.53 13.93
N TYR D 36 20.25 -10.02 15.15
CA TYR D 36 20.75 -9.19 16.23
C TYR D 36 22.06 -9.76 16.78
N GLN D 37 22.89 -8.85 17.31
CA GLN D 37 24.12 -9.22 17.99
C GLN D 37 24.05 -8.71 19.43
N GLN D 38 24.06 -9.63 20.39
CA GLN D 38 23.97 -9.28 21.80
C GLN D 38 25.30 -9.61 22.49
N LYS D 39 26.04 -8.57 22.86
CA LYS D 39 27.23 -8.73 23.68
C LYS D 39 26.84 -8.87 25.14
N PRO D 40 27.69 -9.51 25.95
CA PRO D 40 27.31 -9.77 27.35
C PRO D 40 27.02 -8.48 28.11
N GLY D 41 25.87 -8.47 28.80
CA GLY D 41 25.45 -7.33 29.58
C GLY D 41 24.83 -6.20 28.80
N LYS D 42 24.89 -6.24 27.47
CA LYS D 42 24.36 -5.19 26.62
C LYS D 42 23.06 -5.62 25.96
N ALA D 43 22.33 -4.64 25.46
CA ALA D 43 21.10 -4.89 24.72
C ALA D 43 21.42 -5.37 23.31
N PRO D 44 20.49 -6.05 22.65
CA PRO D 44 20.74 -6.52 21.28
C PRO D 44 21.02 -5.36 20.33
N LYS D 45 21.94 -5.59 19.40
CA LYS D 45 22.32 -4.62 18.39
C LYS D 45 21.88 -5.14 17.02
N LEU D 46 21.04 -4.37 16.34
CA LEU D 46 20.54 -4.78 15.03
C LEU D 46 21.66 -4.81 14.01
N LEU D 47 21.82 -5.94 13.32
CA LEU D 47 22.81 -6.09 12.25
C LEU D 47 22.19 -6.02 10.87
N ILE D 48 21.13 -6.79 10.62
CA ILE D 48 20.50 -6.89 9.31
C ILE D 48 19.00 -6.86 9.49
N TYR D 49 18.31 -6.08 8.65
CA TYR D 49 16.86 -6.09 8.63
C TYR D 49 16.37 -6.37 7.21
N ALA D 50 15.10 -6.77 7.13
CA ALA D 50 14.46 -7.30 5.93
C ALA D 50 15.33 -8.36 5.27
N ALA D 51 16.12 -9.04 6.09
CA ALA D 51 16.71 -10.37 5.93
C ALA D 51 17.85 -10.38 4.91
N SER D 52 18.10 -9.27 4.22
CA SER D 52 19.39 -9.07 3.55
C SER D 52 19.97 -7.67 3.70
N THR D 53 19.29 -6.73 4.35
CA THR D 53 19.72 -5.34 4.31
C THR D 53 20.63 -5.04 5.47
N LEU D 54 21.81 -4.48 5.17
CA LEU D 54 22.78 -4.14 6.21
C LEU D 54 22.35 -2.87 6.92
N GLN D 55 22.23 -2.94 8.24
CA GLN D 55 21.98 -1.74 9.03
C GLN D 55 23.19 -0.82 8.97
N SER D 56 22.94 0.48 8.94
CA SER D 56 24.02 1.45 8.86
C SER D 56 24.93 1.33 10.07
N GLY D 57 26.24 1.42 9.84
CA GLY D 57 27.23 1.21 10.86
C GLY D 57 27.76 -0.20 10.95
N VAL D 58 27.02 -1.18 10.44
CA VAL D 58 27.43 -2.59 10.53
C VAL D 58 28.37 -2.90 9.36
N PRO D 59 29.52 -3.52 9.61
CA PRO D 59 30.46 -3.80 8.52
C PRO D 59 29.89 -4.77 7.49
N SER D 60 30.42 -4.67 6.27
CA SER D 60 29.91 -5.45 5.14
C SER D 60 30.13 -6.94 5.31
N ARG D 61 31.06 -7.36 6.17
CA ARG D 61 31.31 -8.79 6.38
C ARG D 61 30.13 -9.50 7.02
N PHE D 62 29.14 -8.76 7.52
CA PHE D 62 27.87 -9.34 7.93
C PHE D 62 26.91 -9.31 6.75
N SER D 63 26.30 -10.46 6.45
CA SER D 63 25.39 -10.55 5.31
C SER D 63 24.29 -11.54 5.63
N GLY D 64 23.07 -11.20 5.21
CA GLY D 64 21.93 -12.09 5.38
C GLY D 64 21.29 -12.44 4.06
N SER D 65 20.56 -13.56 4.01
CA SER D 65 19.88 -13.96 2.80
C SER D 65 18.70 -14.85 3.17
N GLY D 66 17.80 -15.04 2.20
CA GLY D 66 16.66 -15.91 2.39
C GLY D 66 15.32 -15.20 2.31
N SER D 67 14.27 -15.96 1.98
CA SER D 67 12.91 -15.46 1.93
C SER D 67 11.98 -16.64 2.10
N GLY D 68 10.86 -16.43 2.80
CA GLY D 68 10.01 -17.56 3.11
C GLY D 68 10.31 -18.17 4.46
N THR D 69 11.04 -19.28 4.46
CA THR D 69 11.28 -20.04 5.68
C THR D 69 12.77 -20.27 5.89
N GLU D 70 13.54 -20.33 4.81
CA GLU D 70 14.98 -20.49 4.91
C GLU D 70 15.65 -19.13 5.10
N PHE D 71 16.51 -19.03 6.10
CA PHE D 71 17.20 -17.78 6.41
C PHE D 71 18.61 -18.08 6.90
N THR D 72 19.56 -17.23 6.50
CA THR D 72 20.97 -17.47 6.74
C THR D 72 21.69 -16.18 7.07
N LEU D 73 22.38 -16.15 8.21
CA LEU D 73 23.30 -15.07 8.55
C LEU D 73 24.72 -15.57 8.38
N THR D 74 25.51 -14.85 7.58
CA THR D 74 26.89 -15.22 7.30
C THR D 74 27.82 -14.12 7.79
N ILE D 75 28.80 -14.48 8.60
CA ILE D 75 29.84 -13.57 9.06
C ILE D 75 31.15 -14.00 8.40
N SER D 76 31.68 -13.17 7.52
CA SER D 76 32.95 -13.39 6.88
C SER D 76 34.06 -12.65 7.64
N SER D 77 35.29 -13.13 7.46
CA SER D 77 36.46 -12.53 8.09
C SER D 77 36.23 -12.31 9.59
N LEU D 78 36.01 -13.43 10.29
CA LEU D 78 35.63 -13.36 11.69
C LEU D 78 36.67 -12.60 12.51
N GLN D 79 36.18 -11.78 13.44
CA GLN D 79 37.00 -10.89 14.23
C GLN D 79 36.83 -11.19 15.71
N PRO D 80 37.83 -10.85 16.54
CA PRO D 80 37.67 -11.09 17.99
C PRO D 80 36.50 -10.34 18.61
N GLU D 81 36.19 -9.14 18.10
CA GLU D 81 35.04 -8.39 18.60
C GLU D 81 33.71 -9.03 18.23
N ASP D 82 33.70 -10.09 17.43
CA ASP D 82 32.47 -10.72 16.99
C ASP D 82 31.93 -11.74 17.99
N PHE D 83 32.60 -11.94 19.11
CA PHE D 83 32.06 -12.84 20.14
C PHE D 83 30.76 -12.25 20.69
N ALA D 84 29.68 -13.00 20.56
CA ALA D 84 28.37 -12.56 21.03
C ALA D 84 27.41 -13.73 20.93
N THR D 85 26.16 -13.49 21.34
CA THR D 85 25.05 -14.37 21.03
C THR D 85 24.21 -13.72 19.93
N TYR D 86 23.87 -14.48 18.91
CA TYR D 86 23.17 -13.97 17.75
C TYR D 86 21.74 -14.52 17.71
N TYR D 87 20.79 -13.63 17.44
CA TYR D 87 19.38 -13.98 17.41
C TYR D 87 18.77 -13.58 16.07
N CYS D 88 17.91 -14.45 15.53
CA CYS D 88 17.06 -14.08 14.42
C CYS D 88 15.68 -13.70 14.95
N GLN D 89 14.98 -12.88 14.18
CA GLN D 89 13.67 -12.40 14.61
C GLN D 89 12.76 -12.21 13.41
N ARG D 90 11.56 -12.76 13.50
CA ARG D 90 10.51 -12.51 12.51
C ARG D 90 9.72 -11.27 12.93
N LEU D 91 9.28 -10.50 11.94
CA LEU D 91 8.55 -9.27 12.25
C LEU D 91 7.28 -9.11 11.41
N ASN D 92 6.77 -10.20 10.83
CA ASN D 92 5.54 -10.08 10.06
C ASN D 92 4.34 -9.75 10.95
N SER D 93 4.30 -10.30 12.16
CA SER D 93 3.22 -10.01 13.10
C SER D 93 3.75 -10.10 14.53
N TYR D 94 3.00 -9.53 15.45
CA TYR D 94 3.30 -9.73 16.87
C TYR D 94 3.10 -11.20 17.23
N PRO D 95 3.93 -11.76 18.11
CA PRO D 95 4.86 -11.09 19.03
C PRO D 95 6.25 -10.83 18.47
N TYR D 96 6.53 -11.13 17.19
CA TYR D 96 7.87 -10.95 16.62
C TYR D 96 8.88 -11.91 17.26
N THR D 97 8.44 -13.15 17.45
CA THR D 97 9.20 -14.22 18.10
C THR D 97 10.68 -14.23 17.69
N PHE D 98 11.55 -14.27 18.69
CA PHE D 98 13.00 -14.35 18.50
C PHE D 98 13.42 -15.82 18.41
N GLY D 99 14.55 -16.03 17.75
CA GLY D 99 15.19 -17.33 17.78
C GLY D 99 15.79 -17.63 19.14
N GLN D 100 16.14 -18.89 19.33
CA GLN D 100 16.72 -19.31 20.61
C GLN D 100 18.11 -18.72 20.82
N GLY D 101 18.82 -18.43 19.75
CA GLY D 101 20.11 -17.78 19.87
C GLY D 101 21.25 -18.71 19.53
N THR D 102 22.35 -18.13 19.06
CA THR D 102 23.56 -18.87 18.72
C THR D 102 24.73 -18.22 19.41
N LYS D 103 25.44 -18.98 20.25
CA LYS D 103 26.62 -18.49 20.94
C LYS D 103 27.84 -18.70 20.07
N LEU D 104 28.58 -17.62 19.82
CA LEU D 104 29.75 -17.64 18.95
C LEU D 104 30.99 -17.33 19.79
N GLU D 105 31.94 -18.26 19.80
CA GLU D 105 33.23 -18.09 20.45
C GLU D 105 34.32 -17.89 19.41
N ILE D 106 35.24 -17.00 19.70
CA ILE D 106 36.38 -16.74 18.82
C ILE D 106 37.53 -17.64 19.24
N LYS D 107 37.95 -18.53 18.35
CA LYS D 107 39.08 -19.40 18.63
C LYS D 107 40.37 -18.58 18.66
N ARG D 108 41.38 -19.14 19.33
CA ARG D 108 42.61 -18.40 19.60
C ARG D 108 43.71 -19.39 19.93
N THR D 109 44.95 -19.00 19.66
CA THR D 109 46.09 -19.82 20.07
C THR D 109 46.08 -20.02 21.59
N VAL D 110 46.67 -21.12 22.02
CA VAL D 110 46.64 -21.49 23.43
C VAL D 110 47.42 -20.47 24.24
N ALA D 111 46.83 -20.02 25.35
CA ALA D 111 47.46 -19.07 26.26
C ALA D 111 47.33 -19.59 27.68
N ALA D 112 48.47 -19.67 28.38
CA ALA D 112 48.47 -20.19 29.74
C ALA D 112 47.98 -19.15 30.73
N PRO D 113 47.31 -19.56 31.80
CA PRO D 113 46.83 -18.61 32.80
C PRO D 113 47.92 -18.22 33.78
N SER D 114 47.92 -16.94 34.18
CA SER D 114 48.66 -16.52 35.36
C SER D 114 47.82 -16.84 36.60
N VAL D 115 48.45 -17.48 37.58
CA VAL D 115 47.74 -18.00 38.75
C VAL D 115 48.14 -17.19 39.97
N PHE D 116 47.13 -16.85 40.79
CA PHE D 116 47.34 -16.13 42.03
C PHE D 116 46.44 -16.72 43.11
N ILE D 117 46.94 -16.74 44.35
CA ILE D 117 46.15 -17.16 45.49
C ILE D 117 46.01 -15.98 46.44
N PHE D 118 44.87 -15.92 47.11
CA PHE D 118 44.54 -14.81 48.01
C PHE D 118 44.11 -15.37 49.36
N PRO D 119 44.80 -15.07 50.44
CA PRO D 119 44.38 -15.56 51.76
C PRO D 119 43.17 -14.78 52.25
N PRO D 120 42.42 -15.31 53.20
CA PRO D 120 41.31 -14.55 53.78
C PRO D 120 41.81 -13.28 54.45
N SER D 121 41.00 -12.23 54.38
CA SER D 121 41.34 -10.99 55.06
C SER D 121 41.12 -11.14 56.56
N ASP D 122 41.84 -10.33 57.34
CA ASP D 122 41.61 -10.31 58.77
C ASP D 122 40.21 -9.83 59.11
N GLU D 123 39.64 -8.97 58.26
CA GLU D 123 38.28 -8.47 58.51
C GLU D 123 37.24 -9.57 58.39
N GLN D 124 37.32 -10.37 57.33
CA GLN D 124 36.34 -11.43 57.13
C GLN D 124 36.46 -12.52 58.18
N LEU D 125 37.67 -12.80 58.66
CA LEU D 125 37.89 -13.92 59.57
C LEU D 125 37.05 -13.76 60.84
N LYS D 126 37.18 -12.61 61.52
CA LYS D 126 36.45 -12.41 62.75
C LYS D 126 34.92 -12.46 62.58
N SER D 127 34.42 -12.49 61.35
CA SER D 127 33.01 -12.72 61.13
C SER D 127 32.63 -14.19 61.22
N GLY D 128 33.60 -15.10 61.14
CA GLY D 128 33.37 -16.52 61.27
C GLY D 128 33.60 -17.32 60.00
N THR D 129 33.72 -16.67 58.85
CA THR D 129 33.90 -17.34 57.58
C THR D 129 35.27 -17.00 56.99
N ALA D 130 35.87 -17.98 56.32
CA ALA D 130 37.13 -17.80 55.61
C ALA D 130 36.94 -18.12 54.14
N SER D 131 37.24 -17.15 53.27
CA SER D 131 37.18 -17.33 51.83
C SER D 131 38.58 -17.27 51.26
N VAL D 132 39.01 -18.34 50.59
CA VAL D 132 40.29 -18.39 49.89
C VAL D 132 40.01 -18.33 48.40
N VAL D 133 40.58 -17.35 47.72
CA VAL D 133 40.28 -17.06 46.32
C VAL D 133 41.49 -17.41 45.46
N CYS D 134 41.25 -18.12 44.37
CA CYS D 134 42.27 -18.48 43.39
C CYS D 134 41.90 -17.83 42.05
N LEU D 135 42.87 -17.17 41.42
CA LEU D 135 42.63 -16.40 40.22
C LEU D 135 43.38 -17.00 39.03
N LEU D 136 42.64 -17.25 37.96
CA LEU D 136 43.20 -17.67 36.68
C LEU D 136 42.97 -16.56 35.66
N ASN D 137 44.06 -15.95 35.18
CA ASN D 137 44.00 -14.72 34.40
C ASN D 137 44.40 -14.97 32.95
N ASN D 138 43.54 -14.55 32.02
CA ASN D 138 43.91 -14.39 30.61
C ASN D 138 44.43 -15.68 29.97
N PHE D 139 43.57 -16.69 29.94
CA PHE D 139 43.92 -18.00 29.39
C PHE D 139 42.89 -18.43 28.36
N TYR D 140 43.27 -19.44 27.57
CA TYR D 140 42.42 -20.03 26.54
C TYR D 140 42.96 -21.41 26.23
N PRO D 141 42.09 -22.42 26.03
CA PRO D 141 40.62 -22.36 26.01
C PRO D 141 39.98 -22.27 27.39
N ARG D 142 38.67 -22.39 27.45
CA ARG D 142 37.96 -22.30 28.72
C ARG D 142 38.33 -23.43 29.66
N GLU D 143 38.60 -24.61 29.13
CA GLU D 143 38.81 -25.79 29.95
C GLU D 143 39.99 -25.60 30.89
N ALA D 144 39.71 -25.62 32.19
CA ALA D 144 40.73 -25.51 33.21
C ALA D 144 40.31 -26.34 34.42
N LYS D 145 41.26 -27.08 34.99
CA LYS D 145 41.03 -27.87 36.19
C LYS D 145 41.64 -27.13 37.37
N VAL D 146 40.80 -26.68 38.29
CA VAL D 146 41.24 -26.01 39.51
C VAL D 146 40.87 -26.89 40.69
N GLN D 147 41.86 -27.29 41.46
CA GLN D 147 41.66 -28.16 42.62
C GLN D 147 42.26 -27.49 43.85
N TRP D 148 41.56 -27.63 44.99
CA TRP D 148 42.01 -27.06 46.24
C TRP D 148 42.63 -28.15 47.10
N LYS D 149 43.76 -27.82 47.72
CA LYS D 149 44.46 -28.73 48.62
C LYS D 149 44.77 -28.00 49.92
N VAL D 150 44.22 -28.50 51.02
CA VAL D 150 44.48 -27.94 52.35
C VAL D 150 45.29 -28.98 53.10
N ASP D 151 46.55 -28.64 53.39
CA ASP D 151 47.51 -29.58 53.98
C ASP D 151 47.63 -30.84 53.11
N ASN D 152 47.64 -30.62 51.79
CA ASN D 152 47.76 -31.66 50.78
C ASN D 152 46.55 -32.59 50.73
N ALA D 153 45.42 -32.19 51.32
CA ALA D 153 44.18 -32.93 51.23
C ALA D 153 43.28 -32.28 50.18
N LEU D 154 42.91 -33.03 49.16
CA LEU D 154 42.07 -32.48 48.09
C LEU D 154 40.68 -32.16 48.62
N GLN D 155 40.21 -30.94 48.32
CA GLN D 155 38.91 -30.48 48.77
C GLN D 155 37.85 -30.71 47.71
N SER D 156 36.62 -30.94 48.16
CA SER D 156 35.48 -31.12 47.27
C SER D 156 34.23 -30.60 47.95
N GLY D 157 33.35 -29.98 47.16
CA GLY D 157 32.07 -29.51 47.67
C GLY D 157 32.14 -28.28 48.56
N ASN D 158 33.27 -27.58 48.59
CA ASN D 158 33.40 -26.35 49.36
C ASN D 158 34.01 -25.22 48.53
N SER D 159 33.90 -25.31 47.21
CA SER D 159 34.45 -24.29 46.32
C SER D 159 33.45 -24.00 45.21
N GLN D 160 33.49 -22.76 44.71
CA GLN D 160 32.61 -22.34 43.62
C GLN D 160 33.44 -21.61 42.58
N GLU D 161 33.10 -21.81 41.31
CA GLU D 161 33.83 -21.25 40.19
C GLU D 161 33.01 -20.21 39.46
N SER D 162 33.69 -19.20 38.94
CA SER D 162 33.07 -18.16 38.14
C SER D 162 34.01 -17.76 37.02
N VAL D 163 33.51 -17.77 35.79
CA VAL D 163 34.32 -17.48 34.60
C VAL D 163 33.79 -16.21 33.95
N THR D 164 34.69 -15.30 33.60
CA THR D 164 34.32 -14.11 32.86
C THR D 164 33.90 -14.48 31.44
N GLU D 165 33.20 -13.54 30.79
CA GLU D 165 32.90 -13.71 29.38
C GLU D 165 34.16 -13.49 28.56
N GLN D 166 34.15 -14.02 27.34
CA GLN D 166 35.32 -13.93 26.48
C GLN D 166 35.69 -12.48 26.23
N ASP D 167 36.97 -12.15 26.46
CA ASP D 167 37.46 -10.81 26.20
C ASP D 167 37.31 -10.47 24.73
N SER D 168 36.75 -9.29 24.47
CA SER D 168 36.48 -8.89 23.09
C SER D 168 37.74 -8.47 22.32
N LYS D 169 38.87 -8.28 23.00
CA LYS D 169 40.09 -7.86 22.33
C LYS D 169 41.11 -8.98 22.17
N ASP D 170 41.50 -9.66 23.25
CA ASP D 170 42.48 -10.73 23.17
C ASP D 170 41.86 -12.13 23.20
N SER D 171 40.53 -12.23 23.24
CA SER D 171 39.81 -13.50 23.13
C SER D 171 40.13 -14.46 24.29
N THR D 172 40.58 -13.94 25.43
CA THR D 172 40.96 -14.79 26.55
C THR D 172 39.83 -14.85 27.59
N TYR D 173 40.01 -15.75 28.55
CA TYR D 173 39.08 -15.93 29.65
C TYR D 173 39.78 -15.66 30.98
N SER D 174 38.98 -15.49 32.03
CA SER D 174 39.48 -15.41 33.38
C SER D 174 38.55 -16.20 34.29
N LEU D 175 39.14 -16.88 35.28
CA LEU D 175 38.41 -17.76 36.17
C LEU D 175 38.77 -17.45 37.61
N SER D 176 37.78 -17.63 38.49
CA SER D 176 37.99 -17.49 39.92
C SER D 176 37.44 -18.73 40.62
N SER D 177 38.16 -19.18 41.64
CA SER D 177 37.72 -20.30 42.48
C SER D 177 37.78 -19.84 43.93
N THR D 178 36.64 -19.89 44.61
CA THR D 178 36.51 -19.41 45.98
C THR D 178 36.25 -20.61 46.89
N LEU D 179 37.23 -20.93 47.73
CA LEU D 179 37.07 -21.98 48.73
C LEU D 179 36.58 -21.34 50.02
N THR D 180 35.45 -21.83 50.54
CA THR D 180 34.82 -21.25 51.71
C THR D 180 34.90 -22.23 52.87
N LEU D 181 35.46 -21.78 53.99
CA LEU D 181 35.53 -22.55 55.21
C LEU D 181 35.10 -21.69 56.39
N SER D 182 34.77 -22.35 57.49
CA SER D 182 34.53 -21.66 58.75
C SER D 182 35.86 -21.25 59.38
N LYS D 183 35.79 -20.26 60.27
CA LYS D 183 36.99 -19.78 60.95
C LYS D 183 37.64 -20.90 61.76
N ALA D 184 36.83 -21.71 62.45
CA ALA D 184 37.37 -22.82 63.22
C ALA D 184 38.03 -23.85 62.31
N ASP D 185 37.41 -24.16 61.18
CA ASP D 185 38.00 -25.10 60.23
C ASP D 185 39.23 -24.50 59.56
N TYR D 186 39.22 -23.18 59.31
CA TYR D 186 40.36 -22.55 58.65
C TYR D 186 41.60 -22.56 59.53
N GLU D 187 41.44 -22.25 60.82
CA GLU D 187 42.57 -22.17 61.74
C GLU D 187 43.02 -23.54 62.23
N LYS D 188 42.54 -24.61 61.62
CA LYS D 188 42.95 -25.97 61.96
C LYS D 188 44.01 -26.53 61.03
N HIS D 189 44.40 -25.78 59.99
CA HIS D 189 45.39 -26.23 59.03
C HIS D 189 46.32 -25.07 58.69
N LYS D 190 47.42 -25.40 58.00
CA LYS D 190 48.48 -24.44 57.73
C LYS D 190 48.62 -24.10 56.26
N VAL D 191 48.77 -25.10 55.39
CA VAL D 191 49.09 -24.89 53.98
C VAL D 191 47.81 -24.93 53.16
N TYR D 192 47.58 -23.86 52.39
CA TYR D 192 46.43 -23.76 51.49
C TYR D 192 46.95 -23.57 50.08
N ALA D 193 46.63 -24.51 49.20
CA ALA D 193 47.24 -24.57 47.87
C ALA D 193 46.17 -24.62 46.79
N CYS D 194 46.41 -23.88 45.71
CA CYS D 194 45.62 -23.95 44.49
C CYS D 194 46.44 -24.62 43.40
N GLU D 195 45.88 -25.66 42.79
CA GLU D 195 46.57 -26.42 41.75
C GLU D 195 45.78 -26.31 40.46
N VAL D 196 46.45 -25.88 39.40
CA VAL D 196 45.79 -25.55 38.14
C VAL D 196 46.34 -26.45 37.04
N THR D 197 45.44 -27.19 36.39
CA THR D 197 45.77 -27.96 35.20
C THR D 197 45.16 -27.27 33.98
N HIS D 198 46.01 -26.97 32.99
CA HIS D 198 45.55 -26.31 31.78
C HIS D 198 46.41 -26.78 30.62
N GLN D 199 45.81 -26.81 29.43
CA GLN D 199 46.50 -27.34 28.25
C GLN D 199 47.70 -26.48 27.85
N GLY D 200 47.74 -25.23 28.30
CA GLY D 200 48.90 -24.39 28.10
C GLY D 200 50.04 -24.58 29.09
N LEU D 201 49.82 -25.41 30.10
CA LEU D 201 50.82 -25.67 31.14
C LEU D 201 51.35 -27.09 30.96
N SER D 202 52.68 -27.21 30.80
CA SER D 202 53.29 -28.52 30.66
C SER D 202 53.10 -29.39 31.89
N SER D 203 52.89 -28.78 33.05
CA SER D 203 52.66 -29.50 34.30
C SER D 203 51.79 -28.60 35.18
N PRO D 204 51.02 -29.19 36.12
CA PRO D 204 50.14 -28.36 36.94
C PRO D 204 50.92 -27.35 37.75
N VAL D 205 50.41 -26.11 37.76
CA VAL D 205 51.03 -25.01 38.49
C VAL D 205 50.32 -24.87 39.83
N THR D 206 51.08 -24.88 40.91
CA THR D 206 50.55 -24.74 42.26
C THR D 206 50.92 -23.38 42.83
N LYS D 207 49.95 -22.72 43.45
CA LYS D 207 50.18 -21.50 44.21
C LYS D 207 49.63 -21.72 45.62
N SER D 208 50.42 -21.40 46.63
CA SER D 208 50.06 -21.72 48.00
C SER D 208 50.51 -20.60 48.93
N PHE D 209 50.03 -20.68 50.17
CA PHE D 209 50.46 -19.79 51.23
C PHE D 209 50.28 -20.50 52.56
N ASN D 210 51.13 -20.15 53.53
CA ASN D 210 50.91 -20.55 54.91
C ASN D 210 50.10 -19.49 55.64
N ARG D 211 49.69 -19.82 56.86
CA ARG D 211 48.89 -18.90 57.67
C ARG D 211 49.73 -17.87 58.41
N GLY D 212 51.00 -17.69 58.03
CA GLY D 212 51.87 -16.73 58.68
C GLY D 212 53.03 -16.28 57.81
N ASN E 4 -13.85 -7.79 6.35
CA ASN E 4 -13.44 -6.39 6.40
C ASN E 4 -12.09 -6.18 5.72
N LEU E 5 -11.68 -7.17 4.92
CA LEU E 5 -10.48 -7.01 4.09
C LEU E 5 -10.64 -5.87 3.11
N THR E 6 -11.89 -5.55 2.72
CA THR E 6 -12.13 -4.41 1.85
C THR E 6 -11.85 -3.09 2.57
N GLU E 7 -12.17 -3.02 3.87
CA GLU E 7 -11.93 -1.80 4.63
C GLU E 7 -10.44 -1.58 4.86
N ILE E 8 -9.68 -2.66 5.05
CA ILE E 8 -8.22 -2.52 5.17
C ILE E 8 -7.64 -2.08 3.83
N SER E 9 -8.24 -2.49 2.71
CA SER E 9 -7.78 -2.07 1.40
C SER E 9 -7.87 -0.55 1.25
N LYS E 10 -9.00 0.03 1.65
CA LYS E 10 -9.17 1.47 1.53
C LYS E 10 -8.22 2.21 2.47
N LYS E 11 -8.05 1.71 3.69
CA LYS E 11 -7.08 2.31 4.61
C LYS E 11 -5.69 2.34 4.00
N ILE E 12 -5.32 1.27 3.29
CA ILE E 12 -3.98 1.19 2.69
C ILE E 12 -3.85 2.20 1.56
N THR E 13 -4.81 2.20 0.63
CA THR E 13 -4.72 3.09 -0.53
C THR E 13 -4.93 4.56 -0.14
N ASP E 14 -5.68 4.82 0.93
CA ASP E 14 -5.87 6.20 1.36
C ASP E 14 -4.58 6.80 1.90
N SER E 15 -3.94 6.11 2.86
CA SER E 15 -2.65 6.55 3.35
C SER E 15 -1.57 6.46 2.27
N ASN E 16 -1.80 5.64 1.24
CA ASN E 16 -0.93 5.66 0.07
C ASN E 16 -0.94 7.02 -0.60
N ALA E 17 -2.14 7.54 -0.88
CA ALA E 17 -2.26 8.81 -1.60
C ALA E 17 -1.68 9.96 -0.80
N VAL E 18 -1.89 9.96 0.52
CA VAL E 18 -1.37 11.04 1.35
C VAL E 18 0.15 11.03 1.34
N LEU E 19 0.76 9.86 1.55
CA LEU E 19 2.21 9.75 1.44
C LEU E 19 2.70 10.15 0.05
N LEU E 20 1.93 9.80 -0.98
CA LEU E 20 2.30 10.19 -2.33
C LEU E 20 2.28 11.70 -2.51
N ALA E 21 1.22 12.36 -2.04
CA ALA E 21 1.11 13.80 -2.17
C ALA E 21 2.13 14.52 -1.28
N VAL E 22 2.48 13.93 -0.13
CA VAL E 22 3.49 14.54 0.73
C VAL E 22 4.86 14.43 0.10
N LYS E 23 5.17 13.30 -0.54
CA LYS E 23 6.45 13.13 -1.20
C LYS E 23 6.59 14.02 -2.43
N GLU E 24 5.48 14.50 -2.98
CA GLU E 24 5.55 15.51 -4.04
C GLU E 24 6.16 16.80 -3.51
N VAL E 25 5.67 17.26 -2.35
CA VAL E 25 6.27 18.42 -1.69
C VAL E 25 7.73 18.12 -1.34
N GLU E 26 8.02 16.89 -0.94
CA GLU E 26 9.39 16.51 -0.59
C GLU E 26 10.31 16.59 -1.81
N ALA E 27 9.86 16.08 -2.95
CA ALA E 27 10.70 16.10 -4.15
C ALA E 27 10.87 17.51 -4.69
N LEU E 28 9.86 18.37 -4.54
CA LEU E 28 10.01 19.76 -4.93
C LEU E 28 11.12 20.44 -4.16
N LEU E 29 11.24 20.14 -2.87
CA LEU E 29 12.30 20.73 -2.06
C LEU E 29 13.67 20.25 -2.50
N SER E 30 13.79 18.97 -2.86
CA SER E 30 15.06 18.45 -3.34
C SER E 30 15.50 19.13 -4.63
N SER E 31 14.55 19.65 -5.40
CA SER E 31 14.92 20.41 -6.60
C SER E 31 15.53 21.75 -6.22
N ILE E 32 14.92 22.46 -5.26
CA ILE E 32 15.51 23.69 -4.76
C ILE E 32 16.87 23.40 -4.13
N ASP E 33 16.99 22.27 -3.43
CA ASP E 33 18.28 21.89 -2.86
C ASP E 33 19.30 21.58 -3.95
N GLU E 34 18.86 20.98 -5.05
CA GLU E 34 19.79 20.60 -6.11
C GLU E 34 20.27 21.82 -6.89
N ILE E 35 19.37 22.77 -7.18
CA ILE E 35 19.80 24.01 -7.81
C ILE E 35 20.57 24.91 -6.86
N ALA E 36 20.54 24.61 -5.56
CA ALA E 36 21.31 25.37 -4.59
C ALA E 36 22.74 24.88 -4.45
N ALA E 37 22.98 23.58 -4.60
CA ALA E 37 24.31 23.02 -4.45
C ALA E 37 24.99 22.69 -5.77
N LYS E 38 24.29 22.79 -6.91
CA LYS E 38 24.90 22.45 -8.18
C LYS E 38 24.75 23.50 -9.27
N ALA E 39 23.97 24.57 -9.06
CA ALA E 39 23.80 25.55 -10.12
C ALA E 39 23.84 27.00 -9.63
N ILE E 40 24.25 27.25 -8.39
CA ILE E 40 24.36 28.63 -7.92
C ILE E 40 25.59 29.26 -8.56
N GLY E 41 25.39 30.33 -9.31
CA GLY E 41 26.49 30.94 -10.02
C GLY E 41 27.08 30.02 -11.07
N LYS E 42 26.30 29.70 -12.11
CA LYS E 42 26.70 28.64 -13.03
C LYS E 42 26.00 28.85 -14.37
N LYS E 43 26.55 28.19 -15.39
CA LYS E 43 25.97 28.16 -16.72
C LYS E 43 26.41 26.86 -17.38
N ILE E 44 25.77 26.52 -18.51
CA ILE E 44 26.06 25.26 -19.17
C ILE E 44 27.43 25.32 -19.82
N HIS E 45 28.19 24.23 -19.69
CA HIS E 45 29.44 24.04 -20.43
C HIS E 45 29.28 22.85 -21.36
N GLN E 46 30.31 22.61 -22.19
CA GLN E 46 30.25 21.49 -23.11
C GLN E 46 30.63 20.17 -22.45
N ASN E 47 31.85 20.08 -21.91
CA ASN E 47 32.36 18.79 -21.47
C ASN E 47 31.70 18.32 -20.18
N ASN E 48 31.68 19.17 -19.15
CA ASN E 48 31.18 18.76 -17.84
C ASN E 48 29.72 19.11 -17.60
N GLY E 49 29.15 20.01 -18.40
CA GLY E 49 27.75 20.34 -18.27
C GLY E 49 27.47 21.68 -17.62
N LEU E 50 28.28 22.04 -16.62
CA LEU E 50 28.11 23.29 -15.89
C LEU E 50 29.48 23.88 -15.55
N ASP E 51 29.62 25.18 -15.73
CA ASP E 51 30.85 25.90 -15.38
C ASP E 51 30.51 27.14 -14.57
N THR E 52 31.51 27.64 -13.86
CA THR E 52 31.29 28.73 -12.91
C THR E 52 30.85 30.00 -13.63
N GLU E 53 29.88 30.71 -13.04
CA GLU E 53 29.49 32.02 -13.55
C GLU E 53 29.06 32.87 -12.34
N ASN E 54 29.97 33.68 -11.85
CA ASN E 54 29.76 34.40 -10.60
C ASN E 54 28.72 35.51 -10.75
N ASN E 55 28.03 35.80 -9.64
CA ASN E 55 27.31 37.03 -9.37
C ASN E 55 26.08 37.24 -10.24
N HIS E 56 25.62 36.22 -10.96
CA HIS E 56 24.43 36.34 -11.79
C HIS E 56 23.48 35.19 -11.46
N ASN E 57 22.61 35.42 -10.47
CA ASN E 57 21.60 34.44 -10.09
C ASN E 57 20.25 35.11 -9.82
N GLY E 58 19.96 36.22 -10.48
CA GLY E 58 18.70 36.90 -10.25
C GLY E 58 17.50 36.17 -10.82
N SER E 59 17.73 35.23 -11.74
CA SER E 59 16.67 34.38 -12.26
C SER E 59 16.60 33.04 -11.55
N LEU E 60 17.73 32.51 -11.08
CA LEU E 60 17.71 31.30 -10.29
C LEU E 60 16.91 31.48 -9.01
N LEU E 61 17.00 32.68 -8.40
CA LEU E 61 16.16 32.97 -7.25
C LEU E 61 14.70 33.12 -7.66
N ALA E 62 14.46 33.78 -8.80
CA ALA E 62 13.09 33.85 -9.33
C ALA E 62 12.54 32.47 -9.62
N GLY E 63 13.38 31.57 -10.14
CA GLY E 63 12.95 30.20 -10.34
C GLY E 63 12.57 29.51 -9.05
N ALA E 64 13.43 29.61 -8.04
CA ALA E 64 13.15 28.98 -6.75
C ALA E 64 11.91 29.55 -6.08
N TYR E 65 11.59 30.81 -6.38
CA TYR E 65 10.42 31.43 -5.76
C TYR E 65 9.12 30.76 -6.21
N ALA E 66 9.04 30.40 -7.50
CA ALA E 66 7.83 29.77 -8.02
C ALA E 66 7.61 28.39 -7.42
N ILE E 67 8.70 27.66 -7.11
CA ILE E 67 8.56 26.37 -6.48
C ILE E 67 8.05 26.52 -5.06
N SER E 68 8.56 27.52 -4.33
CA SER E 68 8.03 27.82 -3.01
C SER E 68 6.56 28.17 -3.07
N THR E 69 6.12 28.83 -4.15
CA THR E 69 4.70 29.05 -4.36
C THR E 69 3.99 27.73 -4.67
N LEU E 70 4.60 26.90 -5.51
CA LEU E 70 4.01 25.59 -5.82
C LEU E 70 3.97 24.70 -4.58
N ILE E 71 4.98 24.81 -3.71
CA ILE E 71 4.99 24.03 -2.48
C ILE E 71 3.83 24.45 -1.57
N LYS E 72 3.65 25.77 -1.41
CA LYS E 72 2.54 26.27 -0.61
C LYS E 72 1.19 25.84 -1.18
N GLN E 73 1.12 25.68 -2.50
CA GLN E 73 -0.12 25.22 -3.13
C GLN E 73 -0.42 23.77 -2.73
N LYS E 74 0.55 22.88 -2.86
CA LYS E 74 0.34 21.47 -2.55
C LYS E 74 0.04 21.27 -1.07
N LEU E 75 0.67 22.06 -0.19
CA LEU E 75 0.39 21.93 1.24
C LEU E 75 -1.02 22.40 1.58
N ASP E 76 -1.56 23.34 0.80
CA ASP E 76 -2.94 23.78 1.02
C ASP E 76 -3.93 22.69 0.62
N GLY E 77 -3.63 21.97 -0.47
CA GLY E 77 -4.50 20.91 -0.94
C GLY E 77 -4.47 19.64 -0.13
N LEU E 78 -3.54 19.52 0.83
CA LEU E 78 -3.47 18.34 1.68
C LEU E 78 -4.59 18.37 2.71
N LYS E 79 -5.46 17.37 2.67
CA LYS E 79 -6.58 17.26 3.61
C LYS E 79 -6.50 15.90 4.29
N ASN E 80 -6.19 15.90 5.58
CA ASN E 80 -6.11 14.67 6.36
C ASN E 80 -6.31 15.03 7.83
N GLU E 81 -7.33 14.46 8.46
CA GLU E 81 -7.63 14.78 9.84
C GLU E 81 -6.60 14.21 10.81
N GLY E 82 -5.90 13.13 10.42
CA GLY E 82 -4.89 12.57 11.29
C GLY E 82 -3.55 13.27 11.20
N LEU E 83 -3.25 13.88 10.05
CA LEU E 83 -2.01 14.60 9.84
C LEU E 83 -2.18 16.11 9.88
N LYS E 84 -3.31 16.60 10.39
CA LYS E 84 -3.58 18.03 10.37
C LYS E 84 -2.53 18.82 11.14
N GLU E 85 -2.08 18.28 12.28
CA GLU E 85 -1.09 19.00 13.10
C GLU E 85 0.17 19.29 12.30
N LYS E 86 0.77 18.25 11.72
CA LYS E 86 1.99 18.45 10.93
C LYS E 86 1.73 19.12 9.59
N ILE E 87 0.50 19.03 9.07
CA ILE E 87 0.18 19.69 7.81
C ILE E 87 0.17 21.20 8.00
N ASP E 88 -0.52 21.68 9.03
CA ASP E 88 -0.58 23.13 9.29
C ASP E 88 0.76 23.69 9.74
N ALA E 89 1.63 22.86 10.33
CA ALA E 89 2.96 23.32 10.69
C ALA E 89 3.80 23.61 9.46
N ALA E 90 3.66 22.78 8.41
CA ALA E 90 4.40 23.01 7.18
C ALA E 90 3.80 24.14 6.36
N LYS E 91 2.48 24.34 6.42
CA LYS E 91 1.86 25.45 5.71
C LYS E 91 2.40 26.79 6.21
N LYS E 92 2.50 26.95 7.52
CA LYS E 92 3.03 28.20 8.08
C LYS E 92 4.49 28.38 7.70
N CYS E 93 5.30 27.31 7.80
CA CYS E 93 6.70 27.42 7.42
C CYS E 93 6.85 27.64 5.92
N SER E 94 5.89 27.18 5.12
CA SER E 94 5.90 27.51 3.70
C SER E 94 5.55 28.97 3.47
N GLU E 95 4.56 29.48 4.22
CA GLU E 95 4.19 30.88 4.09
C GLU E 95 5.33 31.80 4.51
N THR E 96 6.02 31.45 5.60
CA THR E 96 7.09 32.29 6.11
C THR E 96 8.27 32.34 5.14
N PHE E 97 8.56 31.22 4.48
CA PHE E 97 9.70 31.16 3.56
C PHE E 97 9.47 32.09 2.37
N THR E 98 8.40 31.87 1.62
CA THR E 98 8.11 32.73 0.47
C THR E 98 7.95 34.19 0.88
N ASN E 99 7.51 34.43 2.12
CA ASN E 99 7.42 35.81 2.60
C ASN E 99 8.79 36.42 2.83
N LYS E 100 9.77 35.62 3.27
CA LYS E 100 11.11 36.15 3.50
C LYS E 100 11.81 36.47 2.19
N LEU E 101 11.63 35.64 1.16
CA LEU E 101 12.23 35.94 -0.14
C LEU E 101 11.68 37.24 -0.72
N LYS E 102 10.38 37.47 -0.55
CA LYS E 102 9.81 38.73 -1.00
C LYS E 102 10.11 39.88 -0.05
N GLU E 103 10.40 39.58 1.23
CA GLU E 103 10.76 40.65 2.15
C GLU E 103 12.13 41.23 1.85
N LYS E 104 13.09 40.36 1.53
CA LYS E 104 14.43 40.79 1.12
C LYS E 104 14.51 40.80 -0.39
N HIS E 105 13.91 41.81 -1.00
CA HIS E 105 14.04 42.00 -2.45
C HIS E 105 15.12 43.00 -2.84
N THR E 106 15.71 43.70 -1.87
CA THR E 106 16.73 44.71 -2.19
C THR E 106 17.97 44.05 -2.80
N ASP E 107 18.51 43.04 -2.13
CA ASP E 107 19.68 42.32 -2.64
C ASP E 107 19.32 41.01 -3.34
N LEU E 108 18.07 40.57 -3.25
CA LEU E 108 17.63 39.38 -3.96
C LEU E 108 16.64 39.76 -5.06
N GLU E 111 17.94 41.26 -11.08
CA GLU E 111 18.92 40.49 -11.84
C GLU E 111 20.12 40.12 -10.98
N GLY E 112 20.76 39.02 -11.36
CA GLY E 112 22.12 38.74 -10.96
C GLY E 112 22.43 38.88 -9.48
N VAL E 113 21.84 38.04 -8.64
CA VAL E 113 22.11 38.10 -7.20
C VAL E 113 23.47 37.48 -6.93
N THR E 114 24.29 38.15 -6.11
CA THR E 114 25.63 37.65 -5.82
C THR E 114 25.57 36.25 -5.23
N ASP E 115 26.56 35.43 -5.57
CA ASP E 115 26.60 34.07 -5.04
C ASP E 115 26.69 34.06 -3.53
N ALA E 116 27.29 35.10 -2.93
CA ALA E 116 27.28 35.21 -1.47
C ALA E 116 25.87 35.41 -0.94
N ASP E 117 25.03 36.14 -1.68
CA ASP E 117 23.64 36.32 -1.28
C ASP E 117 22.78 35.13 -1.66
N ALA E 118 23.01 34.54 -2.82
CA ALA E 118 22.22 33.40 -3.27
C ALA E 118 22.45 32.18 -2.38
N LYS E 119 23.72 31.85 -2.13
CA LYS E 119 24.03 30.79 -1.17
C LYS E 119 23.47 31.11 0.21
N GLU E 120 23.35 32.39 0.54
CA GLU E 120 22.81 32.77 1.83
C GLU E 120 21.28 32.62 1.90
N ALA E 121 20.60 32.69 0.76
CA ALA E 121 19.14 32.79 0.78
C ALA E 121 18.42 31.48 0.50
N ILE E 122 18.97 30.58 -0.32
CA ILE E 122 18.25 29.37 -0.66
C ILE E 122 19.08 28.10 -0.47
N LEU E 123 20.20 28.19 0.24
CA LEU E 123 21.07 27.05 0.45
C LEU E 123 21.10 26.66 1.92
N LYS E 124 20.87 25.38 2.20
CA LYS E 124 20.86 24.91 3.58
C LYS E 124 22.24 24.93 4.20
N THR E 125 23.27 24.57 3.44
CA THR E 125 24.62 24.44 3.98
C THR E 125 25.36 25.77 3.79
N ASN E 126 25.12 26.68 4.73
CA ASN E 126 25.82 27.95 4.81
C ASN E 126 25.78 28.40 6.27
N GLY E 127 26.80 29.13 6.70
CA GLY E 127 26.78 29.63 8.06
C GLY E 127 25.75 30.71 8.33
N THR E 128 25.82 31.82 7.60
CA THR E 128 25.00 32.99 7.91
C THR E 128 23.50 32.68 7.81
N LYS E 129 23.03 32.33 6.61
CA LYS E 129 21.63 32.00 6.34
C LYS E 129 20.65 33.04 6.91
N THR E 130 20.78 34.28 6.43
CA THR E 130 19.87 35.33 6.87
C THR E 130 18.79 35.67 5.86
N LYS E 131 19.07 35.55 4.56
CA LYS E 131 18.08 35.90 3.55
C LYS E 131 17.20 34.71 3.19
N ALA E 133 17.08 30.60 3.77
CA ALA E 133 17.88 29.42 4.01
C ALA E 133 17.62 28.85 5.40
N GLU E 134 17.64 29.73 6.41
CA GLU E 134 17.25 29.31 7.75
C GLU E 134 15.80 28.83 7.75
N GLU E 135 14.94 29.48 6.98
CA GLU E 135 13.56 29.06 6.81
C GLU E 135 13.41 27.99 5.74
N LEU E 136 14.47 27.67 5.01
CA LEU E 136 14.44 26.52 4.12
C LEU E 136 14.71 25.24 4.88
N GLY E 137 15.39 25.33 6.03
CA GLY E 137 15.54 24.17 6.89
C GLY E 137 14.34 23.89 7.76
N LYS E 138 13.60 24.93 8.16
CA LYS E 138 12.46 24.72 9.06
C LYS E 138 11.19 24.29 8.34
N LEU E 139 11.15 24.32 7.01
CA LEU E 139 10.08 23.63 6.30
C LEU E 139 10.55 22.37 5.60
N PHE E 140 11.87 22.23 5.37
CA PHE E 140 12.41 20.94 4.97
C PHE E 140 12.24 19.93 6.09
N GLU E 141 12.65 20.29 7.30
CA GLU E 141 12.48 19.41 8.45
C GLU E 141 11.01 19.27 8.83
N SER E 142 10.22 20.32 8.59
CA SER E 142 8.78 20.21 8.81
C SER E 142 8.14 19.19 7.87
N VAL E 143 8.60 19.16 6.61
CA VAL E 143 8.12 18.14 5.69
C VAL E 143 8.72 16.78 6.04
N GLU E 144 9.97 16.76 6.55
CA GLU E 144 10.55 15.51 7.02
C GLU E 144 9.67 14.88 8.10
N VAL E 145 9.28 15.67 9.11
CA VAL E 145 8.37 15.17 10.13
C VAL E 145 7.04 14.77 9.51
N LEU E 146 6.56 15.53 8.54
CA LEU E 146 5.34 15.19 7.83
C LEU E 146 5.50 13.92 7.01
N SER E 147 6.64 13.77 6.34
CA SER E 147 6.88 12.59 5.51
C SER E 147 6.98 11.32 6.34
N LYS E 148 7.62 11.41 7.50
CA LYS E 148 7.75 10.23 8.36
C LYS E 148 6.40 9.81 8.92
N ALA E 149 5.56 10.77 9.29
CA ALA E 149 4.25 10.45 9.84
C ALA E 149 3.37 9.76 8.81
N ALA E 150 3.39 10.23 7.56
CA ALA E 150 2.60 9.59 6.51
C ALA E 150 3.13 8.18 6.21
N LYS E 151 4.45 8.01 6.25
CA LYS E 151 5.03 6.69 6.05
C LYS E 151 4.56 5.72 7.13
N GLU E 152 4.56 6.16 8.38
CA GLU E 152 4.13 5.30 9.48
C GLU E 152 2.64 5.01 9.42
N MET E 153 1.85 5.93 8.87
CA MET E 153 0.42 5.69 8.73
C MET E 153 0.16 4.61 7.68
N LEU E 154 0.93 4.61 6.59
CA LEU E 154 0.83 3.52 5.61
C LEU E 154 1.28 2.20 6.23
N ALA E 155 2.41 2.22 6.95
CA ALA E 155 2.91 1.00 7.57
C ALA E 155 1.92 0.45 8.58
N ASN E 156 1.26 1.32 9.34
CA ASN E 156 0.28 0.87 10.33
C ASN E 156 -0.94 0.26 9.66
N SER E 157 -1.32 0.76 8.48
CA SER E 157 -2.42 0.16 7.74
C SER E 157 -2.06 -1.24 7.25
N VAL E 158 -0.85 -1.40 6.71
CA VAL E 158 -0.40 -2.72 6.31
C VAL E 158 -0.19 -3.62 7.53
N LYS E 159 0.22 -3.02 8.65
CA LYS E 159 0.35 -3.79 9.89
C LYS E 159 -0.94 -4.48 10.28
N GLU E 160 -2.09 -3.84 10.01
CA GLU E 160 -3.38 -4.46 10.32
C GLU E 160 -3.64 -5.69 9.47
N LEU E 161 -3.03 -5.77 8.28
CA LEU E 161 -3.28 -6.90 7.39
C LEU E 161 -2.87 -8.22 8.03
N THR E 162 -1.76 -8.24 8.75
CA THR E 162 -1.24 -9.46 9.38
C THR E 162 -1.31 -9.26 10.90
N SER E 163 -2.43 -9.61 11.50
CA SER E 163 -2.63 -9.61 12.93
C SER E 163 -3.50 -10.80 13.32
N PRO E 164 -3.24 -11.41 14.48
CA PRO E 164 -4.14 -12.47 14.97
C PRO E 164 -5.30 -11.90 15.77
N PRO F 3 -6.11 -14.59 1.14
CA PRO F 3 -5.17 -15.28 0.26
C PRO F 3 -3.72 -14.86 0.47
N ASN F 4 -2.93 -15.72 1.11
CA ASN F 4 -1.50 -15.50 1.36
C ASN F 4 -1.20 -14.06 1.78
N LEU F 5 -1.87 -13.64 2.86
CA LEU F 5 -1.86 -12.23 3.24
C LEU F 5 -0.45 -11.72 3.52
N THR F 6 0.38 -12.54 4.16
CA THR F 6 1.73 -12.07 4.50
C THR F 6 2.58 -11.84 3.25
N GLU F 7 2.41 -12.69 2.23
CA GLU F 7 3.17 -12.48 0.99
C GLU F 7 2.61 -11.33 0.17
N ILE F 8 1.29 -11.11 0.22
CA ILE F 8 0.69 -9.99 -0.50
C ILE F 8 1.22 -8.66 0.04
N SER F 9 1.35 -8.55 1.37
CA SER F 9 1.84 -7.33 1.97
C SER F 9 3.23 -6.97 1.46
N LYS F 10 4.06 -7.97 1.16
CA LYS F 10 5.34 -7.70 0.52
C LYS F 10 5.15 -7.16 -0.90
N LYS F 11 4.22 -7.75 -1.66
CA LYS F 11 3.94 -7.25 -3.00
C LYS F 11 3.44 -5.81 -2.96
N ILE F 12 2.49 -5.53 -2.06
CA ILE F 12 1.96 -4.17 -1.95
C ILE F 12 3.07 -3.19 -1.57
N THR F 13 3.92 -3.58 -0.62
CA THR F 13 5.02 -2.71 -0.20
C THR F 13 6.03 -2.53 -1.32
N ASP F 14 6.39 -3.62 -2.01
CA ASP F 14 7.33 -3.53 -3.12
C ASP F 14 6.82 -2.59 -4.22
N SER F 15 5.58 -2.79 -4.65
CA SER F 15 5.00 -1.92 -5.68
C SER F 15 4.88 -0.49 -5.19
N ASN F 16 4.75 -0.30 -3.87
CA ASN F 16 4.69 1.05 -3.30
C ASN F 16 6.02 1.78 -3.52
N ALA F 17 7.13 1.14 -3.15
CA ALA F 17 8.44 1.78 -3.27
C ALA F 17 8.73 2.17 -4.72
N VAL F 18 8.42 1.27 -5.66
CA VAL F 18 8.67 1.57 -7.07
C VAL F 18 7.84 2.76 -7.52
N LEU F 19 6.56 2.80 -7.15
CA LEU F 19 5.70 3.91 -7.51
C LEU F 19 6.19 5.22 -6.90
N LEU F 20 6.63 5.17 -5.63
CA LEU F 20 7.09 6.37 -4.96
C LEU F 20 8.33 6.95 -5.65
N ALA F 21 9.24 6.08 -6.09
CA ALA F 21 10.46 6.56 -6.74
C ALA F 21 10.17 7.19 -8.10
N VAL F 22 9.14 6.72 -8.80
CA VAL F 22 8.77 7.33 -10.08
C VAL F 22 8.07 8.66 -9.85
N LYS F 23 7.17 8.72 -8.86
CA LYS F 23 6.48 9.96 -8.57
C LYS F 23 7.44 11.04 -8.08
N GLU F 24 8.58 10.65 -7.51
CA GLU F 24 9.59 11.63 -7.14
C GLU F 24 10.24 12.22 -8.38
N VAL F 25 10.51 11.39 -9.40
CA VAL F 25 11.00 11.90 -10.68
C VAL F 25 9.93 12.76 -11.34
N GLU F 26 8.66 12.37 -11.19
CA GLU F 26 7.55 13.16 -11.73
C GLU F 26 7.58 14.58 -11.18
N ALA F 27 7.74 14.72 -9.86
CA ALA F 27 7.67 16.03 -9.23
C ALA F 27 8.85 16.91 -9.66
N LEU F 28 10.02 16.33 -9.86
CA LEU F 28 11.16 17.10 -10.36
C LEU F 28 10.85 17.68 -11.74
N LEU F 29 10.17 16.91 -12.59
CA LEU F 29 9.72 17.44 -13.87
C LEU F 29 8.74 18.58 -13.69
N SER F 30 7.79 18.44 -12.75
CA SER F 30 6.83 19.50 -12.51
C SER F 30 7.50 20.76 -11.96
N SER F 31 8.65 20.62 -11.31
CA SER F 31 9.40 21.81 -10.89
C SER F 31 10.05 22.50 -12.08
N ILE F 32 10.53 21.71 -13.05
CA ILE F 32 11.05 22.27 -14.29
C ILE F 32 9.93 22.99 -15.05
N ASP F 33 8.70 22.49 -14.95
CA ASP F 33 7.57 23.13 -15.61
C ASP F 33 7.17 24.42 -14.92
N GLU F 34 7.31 24.49 -13.59
CA GLU F 34 6.84 25.66 -12.86
C GLU F 34 7.73 26.87 -13.10
N ILE F 35 9.06 26.67 -13.12
CA ILE F 35 9.95 27.77 -13.48
C ILE F 35 9.77 28.19 -14.92
N ALA F 36 9.26 27.29 -15.78
CA ALA F 36 9.10 27.63 -17.19
C ALA F 36 7.89 28.52 -17.42
N ALA F 37 6.80 28.31 -16.69
CA ALA F 37 5.57 29.06 -16.90
C ALA F 37 5.28 30.08 -15.82
N LYS F 38 6.14 30.22 -14.81
CA LYS F 38 5.87 31.19 -13.75
C LYS F 38 7.06 32.11 -13.49
N ALA F 39 8.27 31.65 -13.79
CA ALA F 39 9.47 32.37 -13.39
C ALA F 39 10.37 32.80 -14.55
N ILE F 40 10.06 32.44 -15.79
CA ILE F 40 10.89 32.83 -16.91
C ILE F 40 10.79 34.34 -17.11
N GLY F 41 11.92 35.03 -17.02
CA GLY F 41 11.96 36.47 -17.26
C GLY F 41 11.04 37.28 -16.37
N LYS F 42 10.96 36.93 -15.08
CA LYS F 42 10.10 37.66 -14.15
C LYS F 42 10.68 37.63 -12.74
N ILE F 44 10.92 38.53 -8.54
CA ILE F 44 11.37 39.00 -7.24
C ILE F 44 10.98 40.46 -7.05
N HIS F 45 9.97 40.69 -6.21
CA HIS F 45 9.36 42.01 -6.04
C HIS F 45 8.44 41.95 -4.84
N GLN F 46 8.18 43.13 -4.24
CA GLN F 46 7.31 43.19 -3.09
C GLN F 46 5.91 42.68 -3.44
N ASN F 47 5.24 43.34 -4.38
CA ASN F 47 4.09 42.71 -5.00
C ASN F 47 4.57 41.73 -6.06
N ASN F 48 3.67 40.86 -6.51
CA ASN F 48 3.90 39.89 -7.58
C ASN F 48 4.76 38.75 -7.09
N GLY F 49 5.22 38.80 -5.85
CA GLY F 49 6.20 37.84 -5.35
C GLY F 49 7.62 38.13 -5.79
N THR F 52 8.24 42.41 -13.97
CA THR F 52 8.60 42.03 -15.32
C THR F 52 10.03 42.47 -15.64
N GLU F 53 10.87 41.52 -16.05
CA GLU F 53 12.25 41.81 -16.43
C GLU F 53 12.64 40.83 -17.54
N ASN F 54 12.86 41.36 -18.73
CA ASN F 54 13.09 40.54 -19.91
C ASN F 54 14.57 40.21 -20.10
N ASN F 55 14.82 39.12 -20.82
CA ASN F 55 16.08 38.79 -21.49
C ASN F 55 17.18 38.33 -20.55
N HIS F 56 16.89 38.06 -19.27
CA HIS F 56 17.92 37.61 -18.33
C HIS F 56 17.43 36.36 -17.61
N ASN F 57 17.81 35.19 -18.12
CA ASN F 57 17.46 33.93 -17.47
C ASN F 57 18.61 32.93 -17.44
N GLY F 58 19.85 33.39 -17.67
CA GLY F 58 20.98 32.47 -17.77
C GLY F 58 21.19 31.63 -16.52
N SER F 59 20.78 32.13 -15.36
CA SER F 59 20.88 31.34 -14.14
C SER F 59 19.77 30.30 -14.08
N LEU F 60 18.52 30.72 -14.29
CA LEU F 60 17.38 29.81 -14.27
C LEU F 60 17.58 28.64 -15.21
N LEU F 61 18.31 28.84 -16.31
CA LEU F 61 18.62 27.73 -17.21
C LEU F 61 19.58 26.74 -16.56
N ALA F 62 20.59 27.24 -15.86
CA ALA F 62 21.55 26.35 -15.21
C ALA F 62 20.90 25.52 -14.11
N GLY F 63 20.02 26.14 -13.32
CA GLY F 63 19.31 25.38 -12.29
C GLY F 63 18.45 24.28 -12.86
N ALA F 64 17.79 24.55 -13.99
CA ALA F 64 16.97 23.52 -14.61
C ALA F 64 17.81 22.45 -15.28
N TYR F 65 19.03 22.79 -15.69
CA TYR F 65 19.95 21.76 -16.16
C TYR F 65 20.36 20.85 -15.01
N ALA F 66 20.50 21.42 -13.80
CA ALA F 66 20.83 20.61 -12.64
C ALA F 66 19.71 19.65 -12.28
N ILE F 67 18.46 20.11 -12.35
CA ILE F 67 17.33 19.24 -12.07
C ILE F 67 17.27 18.10 -13.08
N SER F 68 17.60 18.38 -14.34
CA SER F 68 17.53 17.34 -15.37
C SER F 68 18.59 16.27 -15.15
N THR F 69 19.78 16.66 -14.67
CA THR F 69 20.78 15.67 -14.30
C THR F 69 20.30 14.83 -13.13
N LEU F 70 19.85 15.48 -12.06
CA LEU F 70 19.30 14.77 -10.91
C LEU F 70 18.17 13.83 -11.31
N ILE F 71 17.41 14.19 -12.35
CA ILE F 71 16.35 13.31 -12.83
C ILE F 71 16.93 12.04 -13.42
N LYS F 72 18.04 12.16 -14.15
CA LYS F 72 18.69 10.98 -14.72
C LYS F 72 19.27 10.09 -13.63
N GLN F 73 19.93 10.69 -12.63
CA GLN F 73 20.52 9.90 -11.55
C GLN F 73 19.47 9.08 -10.82
N LYS F 74 18.32 9.70 -10.50
CA LYS F 74 17.26 8.96 -9.84
C LYS F 74 16.64 7.92 -10.76
N LEU F 75 16.70 8.13 -12.08
CA LEU F 75 16.21 7.12 -13.01
C LEU F 75 17.15 5.93 -13.08
N ASP F 76 18.46 6.16 -12.95
CA ASP F 76 19.41 5.06 -12.96
C ASP F 76 19.25 4.17 -11.73
N GLY F 77 18.84 4.75 -10.61
CA GLY F 77 18.55 3.98 -9.41
C GLY F 77 17.25 3.21 -9.43
N LEU F 78 16.46 3.31 -10.50
CA LEU F 78 15.19 2.61 -10.61
C LEU F 78 15.46 1.20 -11.14
N LYS F 79 15.26 0.20 -10.28
CA LYS F 79 15.49 -1.20 -10.65
C LYS F 79 14.25 -2.01 -10.30
N ASN F 80 13.54 -2.47 -11.32
CA ASN F 80 12.36 -3.32 -11.14
C ASN F 80 12.27 -4.21 -12.37
N GLU F 81 12.46 -5.50 -12.18
CA GLU F 81 12.51 -6.46 -13.30
C GLU F 81 11.20 -6.52 -14.07
N GLY F 82 10.11 -5.96 -13.53
CA GLY F 82 8.84 -5.95 -14.23
C GLY F 82 8.67 -4.74 -15.13
N LEU F 83 9.02 -3.56 -14.61
CA LEU F 83 8.93 -2.31 -15.36
C LEU F 83 10.19 -2.01 -16.16
N LYS F 84 11.03 -3.02 -16.41
CA LYS F 84 12.28 -2.80 -17.14
C LYS F 84 12.02 -2.26 -18.54
N GLU F 85 10.94 -2.69 -19.18
CA GLU F 85 10.61 -2.22 -20.52
C GLU F 85 10.47 -0.69 -20.54
N LYS F 86 9.68 -0.14 -19.63
CA LYS F 86 9.37 1.29 -19.66
C LYS F 86 10.43 2.14 -18.95
N ILE F 87 11.19 1.57 -18.02
CA ILE F 87 12.20 2.36 -17.32
C ILE F 87 13.31 2.78 -18.28
N ASP F 88 13.78 1.85 -19.11
CA ASP F 88 14.83 2.17 -20.08
C ASP F 88 14.35 3.17 -21.12
N ALA F 89 13.05 3.23 -21.37
CA ALA F 89 12.52 4.24 -22.29
C ALA F 89 12.72 5.64 -21.72
N ALA F 90 12.29 5.86 -20.47
CA ALA F 90 12.55 7.14 -19.83
C ALA F 90 14.03 7.34 -19.55
N LYS F 91 14.80 6.25 -19.41
CA LYS F 91 16.24 6.36 -19.24
C LYS F 91 16.88 7.12 -20.39
N LYS F 92 16.76 6.58 -21.61
CA LYS F 92 17.33 7.24 -22.77
C LYS F 92 16.61 8.54 -23.12
N CYS F 93 15.35 8.70 -22.71
CA CYS F 93 14.66 9.96 -22.96
C CYS F 93 15.25 11.07 -22.10
N SER F 94 15.61 10.77 -20.85
CA SER F 94 16.30 11.75 -20.03
C SER F 94 17.70 12.02 -20.56
N GLU F 95 18.30 11.06 -21.26
CA GLU F 95 19.65 11.27 -21.80
C GLU F 95 19.62 12.25 -22.96
N THR F 96 18.73 12.02 -23.93
CA THR F 96 18.64 12.95 -25.06
C THR F 96 18.23 14.35 -24.62
N PHE F 97 17.51 14.47 -23.50
CA PHE F 97 17.15 15.80 -23.03
C PHE F 97 18.36 16.53 -22.47
N THR F 98 18.99 15.95 -21.44
CA THR F 98 20.16 16.58 -20.83
C THR F 98 21.25 16.87 -21.86
N ASN F 99 21.47 15.93 -22.78
CA ASN F 99 22.47 16.14 -23.81
C ASN F 99 22.12 17.32 -24.71
N LYS F 100 20.82 17.53 -24.96
CA LYS F 100 20.41 18.53 -25.94
C LYS F 100 20.74 19.94 -25.47
N LEU F 101 20.41 20.28 -24.22
CA LEU F 101 20.80 21.58 -23.70
C LEU F 101 22.31 21.73 -23.67
N LYS F 102 23.02 20.70 -23.22
CA LYS F 102 24.47 20.75 -23.16
C LYS F 102 25.09 20.67 -24.55
N GLU F 103 24.39 20.06 -25.52
CA GLU F 103 24.94 19.95 -26.87
C GLU F 103 25.23 21.31 -27.47
N LYS F 104 24.27 22.23 -27.39
CA LYS F 104 24.46 23.59 -27.91
C LYS F 104 24.41 24.56 -26.72
N HIS F 105 25.57 24.78 -26.11
CA HIS F 105 25.78 25.91 -25.21
C HIS F 105 25.70 27.25 -25.93
N THR F 106 25.69 27.25 -27.26
CA THR F 106 25.78 28.48 -28.04
C THR F 106 24.70 29.48 -27.71
N ASP F 107 23.56 29.03 -27.17
CA ASP F 107 22.46 29.92 -26.80
C ASP F 107 21.93 29.64 -25.41
N LEU F 108 22.56 28.73 -24.67
CA LEU F 108 22.10 28.35 -23.34
C LEU F 108 23.15 28.52 -22.25
N GLY F 109 24.43 28.66 -22.61
CA GLY F 109 25.49 28.79 -21.64
C GLY F 109 25.97 30.22 -21.43
N LYS F 110 25.04 31.16 -21.44
CA LYS F 110 25.34 32.57 -21.25
C LYS F 110 24.45 33.14 -20.15
N GLU F 111 24.77 34.36 -19.72
CA GLU F 111 24.02 34.96 -18.61
C GLU F 111 22.69 35.53 -19.09
N GLY F 112 22.70 36.26 -20.20
CA GLY F 112 21.48 36.80 -20.77
C GLY F 112 20.78 35.97 -21.82
N VAL F 113 20.31 34.75 -21.49
CA VAL F 113 19.49 34.04 -22.46
C VAL F 113 18.14 34.75 -22.57
N THR F 114 17.69 34.97 -23.81
CA THR F 114 16.47 35.71 -24.02
C THR F 114 15.25 34.90 -23.60
N ASP F 115 14.11 35.57 -23.53
CA ASP F 115 12.86 34.88 -23.20
C ASP F 115 12.47 33.88 -24.28
N ALA F 116 12.61 34.26 -25.55
CA ALA F 116 12.25 33.36 -26.63
C ALA F 116 13.16 32.14 -26.72
N ASP F 117 14.32 32.17 -26.04
CA ASP F 117 15.19 31.02 -25.92
C ASP F 117 14.99 30.26 -24.61
N ALA F 118 14.68 30.96 -23.52
CA ALA F 118 14.36 30.28 -22.28
C ALA F 118 13.02 29.57 -22.37
N LYS F 119 12.03 30.22 -22.98
CA LYS F 119 10.77 29.57 -23.32
C LYS F 119 10.97 28.45 -24.34
N GLU F 120 12.11 28.44 -25.03
CA GLU F 120 12.38 27.52 -26.12
C GLU F 120 12.94 26.19 -25.62
N ALA F 121 13.81 26.23 -24.61
CA ALA F 121 14.47 25.00 -24.16
C ALA F 121 13.69 24.25 -23.10
N ILE F 122 12.93 24.93 -22.24
CA ILE F 122 12.37 24.25 -21.08
C ILE F 122 10.86 24.50 -20.94
N LEU F 123 10.29 25.35 -21.79
CA LEU F 123 8.85 25.60 -21.79
C LEU F 123 8.21 24.85 -22.94
N LYS F 124 7.40 23.84 -22.61
CA LYS F 124 6.73 23.00 -23.59
C LYS F 124 5.35 23.51 -23.99
N THR F 125 5.08 24.80 -23.82
CA THR F 125 3.76 25.35 -24.08
C THR F 125 3.68 26.15 -25.37
N ASN F 126 4.55 27.13 -25.57
CA ASN F 126 4.45 27.99 -26.74
C ASN F 126 4.89 27.24 -28.00
N GLY F 127 4.75 27.92 -29.14
CA GLY F 127 4.85 27.23 -30.42
C GLY F 127 6.24 26.74 -30.76
N THR F 128 7.27 27.53 -30.45
CA THR F 128 8.61 27.24 -30.93
C THR F 128 9.33 26.32 -29.94
N LYS F 129 9.71 25.13 -30.40
CA LYS F 129 10.37 24.09 -29.60
C LYS F 129 11.56 23.50 -30.34
N THR F 130 12.39 24.36 -30.95
CA THR F 130 13.42 23.89 -31.87
C THR F 130 14.51 23.10 -31.13
N LYS F 131 15.10 23.69 -30.10
CA LYS F 131 16.27 23.14 -29.41
C LYS F 131 16.01 23.19 -27.91
N GLY F 132 15.69 22.05 -27.31
CA GLY F 132 15.15 22.09 -25.96
C GLY F 132 13.83 21.38 -25.78
N ALA F 133 12.79 22.15 -25.46
CA ALA F 133 11.59 21.63 -24.80
C ALA F 133 10.91 20.50 -25.57
N GLU F 134 11.21 20.35 -26.87
CA GLU F 134 10.69 19.18 -27.59
C GLU F 134 11.24 17.89 -27.00
N GLU F 135 12.52 17.89 -26.60
CA GLU F 135 13.07 16.73 -25.91
C GLU F 135 12.55 16.62 -24.49
N LEU F 136 12.27 17.76 -23.85
CA LEU F 136 11.56 17.74 -22.58
C LEU F 136 10.17 17.15 -22.73
N GLY F 137 9.58 17.27 -23.92
CA GLY F 137 8.24 16.79 -24.18
C GLY F 137 8.03 15.31 -23.94
N LYS F 138 8.69 14.46 -24.73
CA LYS F 138 8.50 13.03 -24.57
C LYS F 138 9.32 12.43 -23.44
N LEU F 139 10.13 13.24 -22.74
CA LEU F 139 10.65 12.80 -21.46
C LEU F 139 9.55 12.82 -20.41
N PHE F 140 8.76 13.89 -20.37
CA PHE F 140 7.56 13.92 -19.54
C PHE F 140 6.61 12.79 -19.92
N GLU F 141 6.37 12.61 -21.22
CA GLU F 141 5.46 11.57 -21.66
C GLU F 141 5.99 10.18 -21.35
N SER F 142 7.30 9.99 -21.41
CA SER F 142 7.88 8.68 -21.07
C SER F 142 7.71 8.38 -19.58
N VAL F 143 7.74 9.40 -18.73
CA VAL F 143 7.49 9.18 -17.31
C VAL F 143 6.01 8.95 -17.06
N GLU F 144 5.14 9.58 -17.85
CA GLU F 144 3.71 9.31 -17.77
C GLU F 144 3.43 7.82 -17.96
N VAL F 145 4.07 7.21 -18.97
CA VAL F 145 3.94 5.77 -19.17
C VAL F 145 4.47 5.00 -17.98
N LEU F 146 5.65 5.40 -17.47
CA LEU F 146 6.24 4.73 -16.32
C LEU F 146 5.37 4.91 -15.08
N SER F 147 4.83 6.11 -14.87
CA SER F 147 4.02 6.37 -13.69
C SER F 147 2.73 5.57 -13.72
N LYS F 148 2.10 5.45 -14.89
CA LYS F 148 0.87 4.68 -14.99
C LYS F 148 1.12 3.20 -14.69
N ALA F 149 2.18 2.64 -15.25
CA ALA F 149 2.50 1.22 -15.02
C ALA F 149 2.75 0.95 -13.54
N ALA F 150 3.55 1.81 -12.90
CA ALA F 150 3.82 1.64 -11.47
C ALA F 150 2.54 1.79 -10.65
N LYS F 151 1.61 2.64 -11.09
CA LYS F 151 0.34 2.76 -10.42
C LYS F 151 -0.48 1.48 -10.55
N GLU F 152 -0.54 0.92 -11.76
CA GLU F 152 -1.34 -0.28 -11.98
C GLU F 152 -0.76 -1.50 -11.28
N MET F 153 0.58 -1.58 -11.17
CA MET F 153 1.17 -2.69 -10.43
C MET F 153 0.81 -2.62 -8.95
N LEU F 154 0.70 -1.42 -8.39
CA LEU F 154 0.26 -1.29 -7.01
C LEU F 154 -1.21 -1.68 -6.87
N ALA F 155 -2.05 -1.21 -7.78
CA ALA F 155 -3.47 -1.56 -7.74
C ALA F 155 -3.67 -3.07 -7.89
N ASN F 156 -2.91 -3.71 -8.78
CA ASN F 156 -3.03 -5.14 -8.95
C ASN F 156 -2.60 -5.90 -7.70
N SER F 157 -1.59 -5.38 -7.00
CA SER F 157 -1.19 -6.00 -5.74
C SER F 157 -2.30 -5.88 -4.69
N VAL F 158 -2.93 -4.70 -4.60
CA VAL F 158 -4.05 -4.53 -3.69
C VAL F 158 -5.24 -5.36 -4.15
N LYS F 159 -5.44 -5.46 -5.47
CA LYS F 159 -6.53 -6.26 -6.01
C LYS F 159 -6.41 -7.73 -5.62
N GLU F 160 -5.18 -8.21 -5.42
CA GLU F 160 -4.97 -9.59 -5.02
C GLU F 160 -5.53 -9.90 -3.63
N LEU F 161 -5.83 -8.88 -2.83
CA LEU F 161 -6.34 -9.11 -1.48
C LEU F 161 -7.79 -9.60 -1.52
N THR F 162 -8.63 -8.91 -2.27
CA THR F 162 -10.07 -9.13 -2.25
C THR F 162 -10.53 -10.22 -3.22
N SER F 163 -9.61 -10.91 -3.88
CA SER F 163 -10.00 -11.95 -4.82
C SER F 163 -10.70 -13.09 -4.09
N PRO F 164 -11.78 -13.65 -4.66
CA PRO F 164 -12.54 -14.77 -4.11
C PRO F 164 -11.67 -16.00 -3.83
#